data_2AP5
# 
_entry.id   2AP5 
# 
_audit_conform.dict_name       mmcif_pdbx.dic 
_audit_conform.dict_version    5.392 
_audit_conform.dict_location   http://mmcif.pdb.org/dictionaries/ascii/mmcif_pdbx.dic 
# 
loop_
_database_2.database_id 
_database_2.database_code 
_database_2.pdbx_database_accession 
_database_2.pdbx_DOI 
PDB   2AP5         pdb_00002ap5 10.2210/pdb2ap5/pdb 
RCSB  RCSB034153   ?            ?                   
WWPDB D_1000034153 ?            ?                   
# 
loop_
_pdbx_audit_revision_history.ordinal 
_pdbx_audit_revision_history.data_content_type 
_pdbx_audit_revision_history.major_revision 
_pdbx_audit_revision_history.minor_revision 
_pdbx_audit_revision_history.revision_date 
1 'Structure model' 1 0 2006-09-05 
2 'Structure model' 1 1 2008-04-30 
3 'Structure model' 1 2 2011-07-13 
4 'Structure model' 1 3 2022-03-09 
5 'Structure model' 1 4 2024-05-22 
# 
_pdbx_audit_revision_details.ordinal             1 
_pdbx_audit_revision_details.revision_ordinal    1 
_pdbx_audit_revision_details.data_content_type   'Structure model' 
_pdbx_audit_revision_details.provider            repository 
_pdbx_audit_revision_details.type                'Initial release' 
_pdbx_audit_revision_details.description         ? 
_pdbx_audit_revision_details.details             ? 
# 
loop_
_pdbx_audit_revision_group.ordinal 
_pdbx_audit_revision_group.revision_ordinal 
_pdbx_audit_revision_group.data_content_type 
_pdbx_audit_revision_group.group 
1 2 'Structure model' 'Version format compliance' 
2 3 'Structure model' 'Version format compliance' 
3 4 'Structure model' 'Database references'       
4 4 'Structure model' 'Derived calculations'      
5 5 'Structure model' 'Data collection'           
# 
loop_
_pdbx_audit_revision_category.ordinal 
_pdbx_audit_revision_category.revision_ordinal 
_pdbx_audit_revision_category.data_content_type 
_pdbx_audit_revision_category.category 
1 4 'Structure model' database_2            
2 4 'Structure model' pdbx_struct_assembly  
3 4 'Structure model' pdbx_struct_oper_list 
4 4 'Structure model' struct_conn           
5 5 'Structure model' chem_comp_atom        
6 5 'Structure model' chem_comp_bond        
# 
loop_
_pdbx_audit_revision_item.ordinal 
_pdbx_audit_revision_item.revision_ordinal 
_pdbx_audit_revision_item.data_content_type 
_pdbx_audit_revision_item.item 
1 4 'Structure model' '_database_2.pdbx_DOI'                
2 4 'Structure model' '_database_2.pdbx_database_accession' 
3 4 'Structure model' '_struct_conn.pdbx_leaving_atom_flag' 
# 
_pdbx_database_status.entry_id                        2AP5 
_pdbx_database_status.status_code                     REL 
_pdbx_database_status.status_code_mr                  REL 
_pdbx_database_status.recvd_initial_deposition_date   2005-08-15 
_pdbx_database_status.deposit_site                    RCSB 
_pdbx_database_status.process_site                    RCSB 
_pdbx_database_status.SG_entry                        N 
_pdbx_database_status.status_code_sf                  ? 
_pdbx_database_status.pdb_format_compatible           Y 
_pdbx_database_status.status_code_cs                  ? 
_pdbx_database_status.status_code_nmr_data            ? 
_pdbx_database_status.methods_development_category    ? 
# 
_pdbx_database_related.db_name        PDB 
_pdbx_database_related.db_id          2AP0 
_pdbx_database_related.details        '20 lowest energy structures' 
_pdbx_database_related.content_type   unspecified 
# 
loop_
_audit_author.name 
_audit_author.pdbx_ordinal 
'Cornish, P.V.' 1 
'Giedroc, D.P.' 2 
# 
_citation.id                        primary 
_citation.title                     
'The global structures of a wild-type and poorly functional plant luteoviral mRNA pseudoknot are essentially identical' 
_citation.journal_abbrev            Rna 
_citation.journal_volume            12 
_citation.page_first                1959 
_citation.page_last                 1969 
_citation.year                      2006 
_citation.journal_id_ASTM           RNARFU 
_citation.country                   UK 
_citation.journal_id_ISSN           1355-8382 
_citation.journal_id_CSD            2122 
_citation.book_publisher            ? 
_citation.pdbx_database_id_PubMed   17000902 
_citation.pdbx_database_id_DOI      10.1261/rna.199006 
# 
loop_
_citation_author.citation_id 
_citation_author.name 
_citation_author.ordinal 
_citation_author.identifier_ORCID 
primary 'Cornish, P.V.'  1 ? 
primary 'Stammler, S.N.' 2 ? 
primary 'Giedroc, D.P.'  3 ? 
# 
_entity.id                         1 
_entity.type                       polymer 
_entity.src_method                 syn 
_entity.pdbx_description           'C27A Sugarcane Yellow Leaf Virus RNA pseudoknot' 
_entity.formula_weight             9024.501 
_entity.pdbx_number_of_molecules   1 
_entity.pdbx_ec                    ? 
_entity.pdbx_mutation              ? 
_entity.pdbx_fragment              ? 
_entity.details                    ? 
# 
_entity_poly.entity_id                      1 
_entity_poly.type                           polyribonucleotide 
_entity_poly.nstd_linkage                   no 
_entity_poly.nstd_monomer                   yes 
_entity_poly.pdbx_seq_one_letter_code       'AGUGG(CH)GCCGACCACUUAAAAACAACGG' 
_entity_poly.pdbx_seq_one_letter_code_can   AGUGGCGCCGACCACUUAAAAACAACGG 
_entity_poly.pdbx_strand_id                 A 
_entity_poly.pdbx_target_identifier         ? 
# 
loop_
_entity_poly_seq.entity_id 
_entity_poly_seq.num 
_entity_poly_seq.mon_id 
_entity_poly_seq.hetero 
1 1  A  n 
1 2  G  n 
1 3  U  n 
1 4  G  n 
1 5  G  n 
1 6  CH n 
1 7  G  n 
1 8  C  n 
1 9  C  n 
1 10 G  n 
1 11 A  n 
1 12 C  n 
1 13 C  n 
1 14 A  n 
1 15 C  n 
1 16 U  n 
1 17 U  n 
1 18 A  n 
1 19 A  n 
1 20 A  n 
1 21 A  n 
1 22 A  n 
1 23 C  n 
1 24 A  n 
1 25 A  n 
1 26 C  n 
1 27 G  n 
1 28 G  n 
# 
_pdbx_entity_src_syn.entity_id              1 
_pdbx_entity_src_syn.pdbx_src_id            1 
_pdbx_entity_src_syn.pdbx_alt_source_flag   sample 
_pdbx_entity_src_syn.pdbx_beg_seq_num       ? 
_pdbx_entity_src_syn.pdbx_end_seq_num       ? 
_pdbx_entity_src_syn.organism_scientific    ? 
_pdbx_entity_src_syn.organism_common_name   ? 
_pdbx_entity_src_syn.ncbi_taxonomy_id       ? 
_pdbx_entity_src_syn.details                
'Mutant of naturally occuring RNA fragment that forms an RNA pseudoknot in Sugarcane Yellow Leaf Virus' 
# 
loop_
_chem_comp.id 
_chem_comp.type 
_chem_comp.mon_nstd_flag 
_chem_comp.name 
_chem_comp.pdbx_synonyms 
_chem_comp.formula 
_chem_comp.formula_weight 
A  'RNA linking' y "ADENOSINE-5'-MONOPHOSPHATE"              ? 'C10 H14 N5 O7 P'  347.221 
C  'RNA linking' y "CYTIDINE-5'-MONOPHOSPHATE"               ? 'C9 H14 N3 O8 P'   323.197 
CH 'RNA linking' n 
;N3-PROTONATED CYTIDINE-5'-MONOPHOSPHATE
;
? 'C9 H15 N3 O8 P 1' 324.204 
G  'RNA linking' y "GUANOSINE-5'-MONOPHOSPHATE"              ? 'C10 H14 N5 O8 P'  363.221 
U  'RNA linking' y "URIDINE-5'-MONOPHOSPHATE"                ? 'C9 H13 N2 O9 P'   324.181 
# 
loop_
_pdbx_poly_seq_scheme.asym_id 
_pdbx_poly_seq_scheme.entity_id 
_pdbx_poly_seq_scheme.seq_id 
_pdbx_poly_seq_scheme.mon_id 
_pdbx_poly_seq_scheme.ndb_seq_num 
_pdbx_poly_seq_scheme.pdb_seq_num 
_pdbx_poly_seq_scheme.auth_seq_num 
_pdbx_poly_seq_scheme.pdb_mon_id 
_pdbx_poly_seq_scheme.auth_mon_id 
_pdbx_poly_seq_scheme.pdb_strand_id 
_pdbx_poly_seq_scheme.pdb_ins_code 
_pdbx_poly_seq_scheme.hetero 
A 1 1  A  1  3  3  A  A  A . n 
A 1 2  G  2  4  4  G  G  A . n 
A 1 3  U  3  5  5  U  U  A . n 
A 1 4  G  4  6  6  G  G  A . n 
A 1 5  G  5  7  7  G  G  A . n 
A 1 6  CH 6  8  8  CH CH A . n 
A 1 7  G  7  9  9  G  G  A . n 
A 1 8  C  8  10 10 C  C  A . n 
A 1 9  C  9  11 11 C  C  A . n 
A 1 10 G  10 12 12 G  G  A . n 
A 1 11 A  11 13 13 A  A  A . n 
A 1 12 C  12 14 14 C  C  A . n 
A 1 13 C  13 15 15 C  C  A . n 
A 1 14 A  14 16 16 A  A  A . n 
A 1 15 C  15 17 17 C  C  A . n 
A 1 16 U  16 18 18 U  U  A . n 
A 1 17 U  17 19 19 U  U  A . n 
A 1 18 A  18 20 20 A  A  A . n 
A 1 19 A  19 21 21 A  A  A . n 
A 1 20 A  20 22 22 A  A  A . n 
A 1 21 A  21 23 23 A  A  A . n 
A 1 22 A  22 24 24 A  A  A . n 
A 1 23 C  23 25 25 C  C  A . n 
A 1 24 A  24 26 26 A  A  A . n 
A 1 25 A  25 27 27 A  A  A . n 
A 1 26 C  26 28 28 C  C  A . n 
A 1 27 G  27 29 29 G  G  A . n 
A 1 28 G  28 30 30 G  G  A . n 
# 
_exptl.entry_id          2AP5 
_exptl.method            'SOLUTION NMR' 
_exptl.crystals_number   ? 
# 
_struct.entry_id                  2AP5 
_struct.title                     'Solution Structure of the C27A ScYLV P1-P2 Frameshifting Pseudoknot, Average Structure' 
_struct.pdbx_model_details        ? 
_struct.pdbx_CASP_flag            ? 
_struct.pdbx_model_type_details   'minimized average' 
# 
_struct_keywords.entry_id        2AP5 
_struct_keywords.pdbx_keywords   RNA 
_struct_keywords.text            'RNA pseudoknot; frameshifting, RNA' 
# 
_struct_asym.id                            A 
_struct_asym.pdbx_blank_PDB_chainid_flag   N 
_struct_asym.pdbx_modified                 N 
_struct_asym.entity_id                     1 
_struct_asym.details                       ? 
# 
_struct_ref.id                         1 
_struct_ref.entity_id                  1 
_struct_ref.db_name                    PDB 
_struct_ref.db_code                    2AP5 
_struct_ref.pdbx_db_accession          2AP5 
_struct_ref.pdbx_db_isoform            ? 
_struct_ref.pdbx_seq_one_letter_code   ? 
_struct_ref.pdbx_align_begin           ? 
# 
_struct_ref_seq.align_id                      1 
_struct_ref_seq.ref_id                        1 
_struct_ref_seq.pdbx_PDB_id_code              2AP5 
_struct_ref_seq.pdbx_strand_id                A 
_struct_ref_seq.seq_align_beg                 1 
_struct_ref_seq.pdbx_seq_align_beg_ins_code   ? 
_struct_ref_seq.seq_align_end                 28 
_struct_ref_seq.pdbx_seq_align_end_ins_code   ? 
_struct_ref_seq.pdbx_db_accession             2AP5 
_struct_ref_seq.db_align_beg                  3 
_struct_ref_seq.pdbx_db_align_beg_ins_code    ? 
_struct_ref_seq.db_align_end                  30 
_struct_ref_seq.pdbx_db_align_end_ins_code    ? 
_struct_ref_seq.pdbx_auth_seq_align_beg       3 
_struct_ref_seq.pdbx_auth_seq_align_end       30 
# 
_pdbx_struct_assembly.id                   1 
_pdbx_struct_assembly.details              author_defined_assembly 
_pdbx_struct_assembly.method_details       ? 
_pdbx_struct_assembly.oligomeric_details   monomeric 
_pdbx_struct_assembly.oligomeric_count     1 
# 
_pdbx_struct_assembly_gen.assembly_id       1 
_pdbx_struct_assembly_gen.oper_expression   1 
_pdbx_struct_assembly_gen.asym_id_list      A 
# 
_pdbx_struct_oper_list.id                   1 
_pdbx_struct_oper_list.type                 'identity operation' 
_pdbx_struct_oper_list.name                 1_555 
_pdbx_struct_oper_list.symmetry_operation   x,y,z 
_pdbx_struct_oper_list.matrix[1][1]         1.0000000000 
_pdbx_struct_oper_list.matrix[1][2]         0.0000000000 
_pdbx_struct_oper_list.matrix[1][3]         0.0000000000 
_pdbx_struct_oper_list.vector[1]            0.0000000000 
_pdbx_struct_oper_list.matrix[2][1]         0.0000000000 
_pdbx_struct_oper_list.matrix[2][2]         1.0000000000 
_pdbx_struct_oper_list.matrix[2][3]         0.0000000000 
_pdbx_struct_oper_list.vector[2]            0.0000000000 
_pdbx_struct_oper_list.matrix[3][1]         0.0000000000 
_pdbx_struct_oper_list.matrix[3][2]         0.0000000000 
_pdbx_struct_oper_list.matrix[3][3]         1.0000000000 
_pdbx_struct_oper_list.vector[3]            0.0000000000 
# 
_struct_biol.id   1 
# 
loop_
_struct_conn.id 
_struct_conn.conn_type_id 
_struct_conn.pdbx_leaving_atom_flag 
_struct_conn.pdbx_PDB_id 
_struct_conn.ptnr1_label_asym_id 
_struct_conn.ptnr1_label_comp_id 
_struct_conn.ptnr1_label_seq_id 
_struct_conn.ptnr1_label_atom_id 
_struct_conn.pdbx_ptnr1_label_alt_id 
_struct_conn.pdbx_ptnr1_PDB_ins_code 
_struct_conn.pdbx_ptnr1_standard_comp_id 
_struct_conn.ptnr1_symmetry 
_struct_conn.ptnr2_label_asym_id 
_struct_conn.ptnr2_label_comp_id 
_struct_conn.ptnr2_label_seq_id 
_struct_conn.ptnr2_label_atom_id 
_struct_conn.pdbx_ptnr2_label_alt_id 
_struct_conn.pdbx_ptnr2_PDB_ins_code 
_struct_conn.ptnr1_auth_asym_id 
_struct_conn.ptnr1_auth_comp_id 
_struct_conn.ptnr1_auth_seq_id 
_struct_conn.ptnr2_auth_asym_id 
_struct_conn.ptnr2_auth_comp_id 
_struct_conn.ptnr2_auth_seq_id 
_struct_conn.ptnr2_symmetry 
_struct_conn.pdbx_ptnr3_label_atom_id 
_struct_conn.pdbx_ptnr3_label_seq_id 
_struct_conn.pdbx_ptnr3_label_comp_id 
_struct_conn.pdbx_ptnr3_label_asym_id 
_struct_conn.pdbx_ptnr3_label_alt_id 
_struct_conn.pdbx_ptnr3_PDB_ins_code 
_struct_conn.details 
_struct_conn.pdbx_dist_value 
_struct_conn.pdbx_value_order 
_struct_conn.pdbx_role 
covale1  covale both ? A G  5  "O3'" ? ? ? 1_555 A CH 6  P  ? ? A G  7  A CH 8  1_555 ? ? ? ? ? ? ?              1.613 ? ? 
covale2  covale both ? A CH 6  "O3'" ? ? ? 1_555 A G  7  P  ? ? A CH 8  A G  9  1_555 ? ? ? ? ? ? ?              1.612 ? ? 
hydrog1  hydrog ?    ? A A  1  N1    ? ? ? 1_555 A U  16 N3 ? ? A A  3  A U  18 1_555 ? ? ? ? ? ? WATSON-CRICK   ?     ? ? 
hydrog2  hydrog ?    ? A A  1  N6    ? ? ? 1_555 A U  16 O4 ? ? A A  3  A U  18 1_555 ? ? ? ? ? ? WATSON-CRICK   ?     ? ? 
hydrog3  hydrog ?    ? A G  2  N1    ? ? ? 1_555 A C  15 N3 ? ? A G  4  A C  17 1_555 ? ? ? ? ? ? WATSON-CRICK   ?     ? ? 
hydrog4  hydrog ?    ? A G  2  N2    ? ? ? 1_555 A C  15 O2 ? ? A G  4  A C  17 1_555 ? ? ? ? ? ? WATSON-CRICK   ?     ? ? 
hydrog5  hydrog ?    ? A G  2  O6    ? ? ? 1_555 A C  15 N4 ? ? A G  4  A C  17 1_555 ? ? ? ? ? ? WATSON-CRICK   ?     ? ? 
hydrog6  hydrog ?    ? A U  3  N3    ? ? ? 1_555 A A  14 N1 ? ? A U  5  A A  16 1_555 ? ? ? ? ? ? WATSON-CRICK   ?     ? ? 
hydrog7  hydrog ?    ? A U  3  O4    ? ? ? 1_555 A A  14 N6 ? ? A U  5  A A  16 1_555 ? ? ? ? ? ? WATSON-CRICK   ?     ? ? 
hydrog8  hydrog ?    ? A G  4  N1    ? ? ? 1_555 A C  13 N3 ? ? A G  6  A C  15 1_555 ? ? ? ? ? ? WATSON-CRICK   ?     ? ? 
hydrog9  hydrog ?    ? A G  4  N2    ? ? ? 1_555 A C  13 O2 ? ? A G  6  A C  15 1_555 ? ? ? ? ? ? WATSON-CRICK   ?     ? ? 
hydrog10 hydrog ?    ? A G  4  O6    ? ? ? 1_555 A C  13 N4 ? ? A G  6  A C  15 1_555 ? ? ? ? ? ? WATSON-CRICK   ?     ? ? 
hydrog11 hydrog ?    ? A G  4  N3    ? ? ? 1_555 A A  21 N6 ? ? A G  6  A A  23 1_555 ? ? ? ? ? ? 'G-A MISPAIR'  ?     ? ? 
hydrog12 hydrog ?    ? A G  5  N1    ? ? ? 1_555 A C  12 N3 ? ? A G  7  A C  14 1_555 ? ? ? ? ? ? WATSON-CRICK   ?     ? ? 
hydrog13 hydrog ?    ? A G  5  N2    ? ? ? 1_555 A C  12 O2 ? ? A G  7  A C  14 1_555 ? ? ? ? ? ? WATSON-CRICK   ?     ? ? 
hydrog14 hydrog ?    ? A G  5  O6    ? ? ? 1_555 A C  12 N4 ? ? A G  7  A C  14 1_555 ? ? ? ? ? ? WATSON-CRICK   ?     ? ? 
hydrog15 hydrog ?    ? A G  5  N2    ? ? ? 1_555 A A  24 N1 ? ? A G  7  A A  26 1_555 ? ? ? ? ? ? TYPE_10_PAIR   ?     ? ? 
hydrog16 hydrog ?    ? A G  5  N3    ? ? ? 1_555 A A  24 N6 ? ? A G  7  A A  26 1_555 ? ? ? ? ? ? TYPE_10_PAIR   ?     ? ? 
hydrog17 hydrog ?    ? A CH 6  N4    ? ? ? 1_555 A G  10 N7 ? ? A CH 8  A G  12 1_555 ? ? ? ? ? ? 'CH-G PAIR'    ?     ? ? 
hydrog18 hydrog ?    ? A CH 6  O2    ? ? ? 1_555 A C  26 N4 ? ? A CH 8  A C  28 1_555 ? ? ? ? ? ? 'CH-C MISPAIR' ?     ? ? 
hydrog19 hydrog ?    ? A C  8  N3    ? ? ? 1_555 A G  28 N1 ? ? A C  10 A G  30 1_555 ? ? ? ? ? ? WATSON-CRICK   ?     ? ? 
hydrog20 hydrog ?    ? A C  8  N4    ? ? ? 1_555 A G  28 O6 ? ? A C  10 A G  30 1_555 ? ? ? ? ? ? WATSON-CRICK   ?     ? ? 
hydrog21 hydrog ?    ? A C  8  O2    ? ? ? 1_555 A G  28 N2 ? ? A C  10 A G  30 1_555 ? ? ? ? ? ? WATSON-CRICK   ?     ? ? 
hydrog22 hydrog ?    ? A C  9  N3    ? ? ? 1_555 A G  27 N1 ? ? A C  11 A G  29 1_555 ? ? ? ? ? ? WATSON-CRICK   ?     ? ? 
hydrog23 hydrog ?    ? A C  9  N4    ? ? ? 1_555 A G  27 O6 ? ? A C  11 A G  29 1_555 ? ? ? ? ? ? WATSON-CRICK   ?     ? ? 
hydrog24 hydrog ?    ? A C  9  O2    ? ? ? 1_555 A G  27 N2 ? ? A C  11 A G  29 1_555 ? ? ? ? ? ? WATSON-CRICK   ?     ? ? 
hydrog25 hydrog ?    ? A G  10 N1    ? ? ? 1_555 A C  26 N3 ? ? A G  12 A C  28 1_555 ? ? ? ? ? ? WATSON-CRICK   ?     ? ? 
hydrog26 hydrog ?    ? A G  10 N2    ? ? ? 1_555 A C  26 O2 ? ? A G  12 A C  28 1_555 ? ? ? ? ? ? WATSON-CRICK   ?     ? ? 
hydrog27 hydrog ?    ? A G  10 O6    ? ? ? 1_555 A C  26 N4 ? ? A G  12 A C  28 1_555 ? ? ? ? ? ? WATSON-CRICK   ?     ? ? 
hydrog28 hydrog ?    ? A C  12 O2    ? ? ? 1_555 A A  25 N6 ? ? A C  14 A A  27 1_555 ? ? ? ? ? ? 'C-A MISPAIR'  ?     ? ? 
hydrog29 hydrog ?    ? A C  13 O2    ? ? ? 1_555 A A  22 N6 ? ? A C  15 A A  24 1_555 ? ? ? ? ? ? 'C-A MISPAIR'  ?     ? ? 
hydrog30 hydrog ?    ? A A  14 N3    ? ? ? 1_555 A A  20 N6 ? ? A A  16 A A  22 1_555 ? ? ? ? ? ? 'A-A MISPAIR'  ?     ? ? 
hydrog31 hydrog ?    ? A C  15 O2    ? ? ? 1_555 A A  19 N6 ? ? A C  17 A A  21 1_555 ? ? ? ? ? ? 'C-A MISPAIR'  ?     ? ? 
# 
loop_
_struct_conn_type.id 
_struct_conn_type.criteria 
_struct_conn_type.reference 
covale ? ? 
hydrog ? ? 
# 
loop_
_pdbx_validate_close_contact.id 
_pdbx_validate_close_contact.PDB_model_num 
_pdbx_validate_close_contact.auth_atom_id_1 
_pdbx_validate_close_contact.auth_asym_id_1 
_pdbx_validate_close_contact.auth_comp_id_1 
_pdbx_validate_close_contact.auth_seq_id_1 
_pdbx_validate_close_contact.PDB_ins_code_1 
_pdbx_validate_close_contact.label_alt_id_1 
_pdbx_validate_close_contact.auth_atom_id_2 
_pdbx_validate_close_contact.auth_asym_id_2 
_pdbx_validate_close_contact.auth_comp_id_2 
_pdbx_validate_close_contact.auth_seq_id_2 
_pdbx_validate_close_contact.PDB_ins_code_2 
_pdbx_validate_close_contact.label_alt_id_2 
_pdbx_validate_close_contact.dist 
1 1 H22    A G 6  ? ? H62   A A 24 ? ? 1.28 
2 1 "H2'"  A G 4  ? ? "O4'" A U 5  ? ? 1.55 
3 1 "O2'"  A A 21 ? ? H8    A A 22 ? ? 1.57 
4 1 "HO2'" A A 26 ? ? "O4'" A A 27 ? ? 1.59 
5 1 "HO2'" A A 21 ? ? OP2   A A 22 ? ? 1.59 
6 1 "O2'"  A A 24 ? ? "O4'" A A 26 ? ? 2.09 
# 
loop_
_pdbx_validate_rmsd_bond.id 
_pdbx_validate_rmsd_bond.PDB_model_num 
_pdbx_validate_rmsd_bond.auth_atom_id_1 
_pdbx_validate_rmsd_bond.auth_asym_id_1 
_pdbx_validate_rmsd_bond.auth_comp_id_1 
_pdbx_validate_rmsd_bond.auth_seq_id_1 
_pdbx_validate_rmsd_bond.PDB_ins_code_1 
_pdbx_validate_rmsd_bond.label_alt_id_1 
_pdbx_validate_rmsd_bond.auth_atom_id_2 
_pdbx_validate_rmsd_bond.auth_asym_id_2 
_pdbx_validate_rmsd_bond.auth_comp_id_2 
_pdbx_validate_rmsd_bond.auth_seq_id_2 
_pdbx_validate_rmsd_bond.PDB_ins_code_2 
_pdbx_validate_rmsd_bond.label_alt_id_2 
_pdbx_validate_rmsd_bond.bond_value 
_pdbx_validate_rmsd_bond.bond_target_value 
_pdbx_validate_rmsd_bond.bond_deviation 
_pdbx_validate_rmsd_bond.bond_standard_deviation 
_pdbx_validate_rmsd_bond.linker_flag 
1 1 "C2'" A C 14 ? ? "C1'" A C 14 ? ? 1.473 1.526 -0.053 0.008 N 
2 1 "C2'" A U 18 ? ? "C1'" A U 18 ? ? 1.426 1.526 -0.100 0.008 N 
# 
loop_
_pdbx_validate_rmsd_angle.id 
_pdbx_validate_rmsd_angle.PDB_model_num 
_pdbx_validate_rmsd_angle.auth_atom_id_1 
_pdbx_validate_rmsd_angle.auth_asym_id_1 
_pdbx_validate_rmsd_angle.auth_comp_id_1 
_pdbx_validate_rmsd_angle.auth_seq_id_1 
_pdbx_validate_rmsd_angle.PDB_ins_code_1 
_pdbx_validate_rmsd_angle.label_alt_id_1 
_pdbx_validate_rmsd_angle.auth_atom_id_2 
_pdbx_validate_rmsd_angle.auth_asym_id_2 
_pdbx_validate_rmsd_angle.auth_comp_id_2 
_pdbx_validate_rmsd_angle.auth_seq_id_2 
_pdbx_validate_rmsd_angle.PDB_ins_code_2 
_pdbx_validate_rmsd_angle.label_alt_id_2 
_pdbx_validate_rmsd_angle.auth_atom_id_3 
_pdbx_validate_rmsd_angle.auth_asym_id_3 
_pdbx_validate_rmsd_angle.auth_comp_id_3 
_pdbx_validate_rmsd_angle.auth_seq_id_3 
_pdbx_validate_rmsd_angle.PDB_ins_code_3 
_pdbx_validate_rmsd_angle.label_alt_id_3 
_pdbx_validate_rmsd_angle.angle_value 
_pdbx_validate_rmsd_angle.angle_target_value 
_pdbx_validate_rmsd_angle.angle_deviation 
_pdbx_validate_rmsd_angle.angle_standard_deviation 
_pdbx_validate_rmsd_angle.linker_flag 
1  1 N7    A A 3  ? ? C8    A A 3  ? ? N9    A A 3  ? ? 117.69 113.80 3.89  0.50 N 
2  1 C8    A A 3  ? ? N9    A A 3  ? ? C4    A A 3  ? ? 103.27 105.80 -2.53 0.40 N 
3  1 N7    A G 4  ? ? C8    A G 4  ? ? N9    A G 4  ? ? 118.01 113.10 4.91  0.50 N 
4  1 C8    A G 4  ? ? N9    A G 4  ? ? C4    A G 4  ? ? 103.07 106.40 -3.33 0.40 N 
5  1 N7    A G 6  ? ? C8    A G 6  ? ? N9    A G 6  ? ? 117.77 113.10 4.67  0.50 N 
6  1 C8    A G 6  ? ? N9    A G 6  ? ? C4    A G 6  ? ? 103.30 106.40 -3.10 0.40 N 
7  1 N7    A G 7  ? ? C8    A G 7  ? ? N9    A G 7  ? ? 117.94 113.10 4.84  0.50 N 
8  1 C8    A G 7  ? ? N9    A G 7  ? ? C4    A G 7  ? ? 103.33 106.40 -3.07 0.40 N 
9  1 N7    A G 9  ? ? C8    A G 9  ? ? N9    A G 9  ? ? 117.75 113.10 4.65  0.50 N 
10 1 C8    A G 9  ? ? N9    A G 9  ? ? C4    A G 9  ? ? 103.68 106.40 -2.72 0.40 N 
11 1 N7    A G 12 ? ? C8    A G 12 ? ? N9    A G 12 ? ? 117.71 113.10 4.61  0.50 N 
12 1 C8    A G 12 ? ? N9    A G 12 ? ? C4    A G 12 ? ? 103.16 106.40 -3.24 0.40 N 
13 1 "C3'" A A 13 ? ? "C2'" A A 13 ? ? "C1'" A A 13 ? ? 106.37 101.50 4.87  0.80 N 
14 1 N7    A A 13 ? ? C8    A A 13 ? ? N9    A A 13 ? ? 117.52 113.80 3.72  0.50 N 
15 1 N7    A A 16 ? ? C8    A A 16 ? ? N9    A A 16 ? ? 117.75 113.80 3.95  0.50 N 
16 1 C8    A A 16 ? ? N9    A A 16 ? ? C4    A A 16 ? ? 102.93 105.80 -2.87 0.40 N 
17 1 "O4'" A U 19 ? ? "C1'" A U 19 ? ? N1    A U 19 ? ? 113.03 108.50 4.53  0.70 N 
18 1 "C3'" A A 20 ? ? "C2'" A A 20 ? ? "C1'" A A 20 ? ? 106.63 101.50 5.13  0.80 N 
19 1 N7    A A 20 ? ? C8    A A 20 ? ? N9    A A 20 ? ? 117.53 113.80 3.73  0.50 N 
20 1 "C1'" A A 21 ? ? "O4'" A A 21 ? ? "C4'" A A 21 ? ? 104.92 109.70 -4.78 0.70 N 
21 1 "O4'" A A 21 ? ? "C1'" A A 21 ? ? N9    A A 21 ? ? 113.30 108.50 4.80  0.70 N 
22 1 N7    A A 21 ? ? C8    A A 21 ? ? N9    A A 21 ? ? 117.56 113.80 3.76  0.50 N 
23 1 N7    A A 22 ? ? C8    A A 22 ? ? N9    A A 22 ? ? 117.50 113.80 3.70  0.50 N 
24 1 N7    A A 23 ? ? C8    A A 23 ? ? N9    A A 23 ? ? 117.06 113.80 3.26  0.50 N 
25 1 C8    A A 23 ? ? N9    A A 23 ? ? C4    A A 23 ? ? 103.01 105.80 -2.79 0.40 N 
26 1 N7    A A 24 ? ? C8    A A 24 ? ? N9    A A 24 ? ? 117.21 113.80 3.41  0.50 N 
27 1 C8    A A 24 ? ? N9    A A 24 ? ? C4    A A 24 ? ? 102.31 105.80 -3.49 0.40 N 
28 1 "C3'" A C 25 ? ? "C2'" A C 25 ? ? "C1'" A C 25 ? ? 106.44 101.50 4.94  0.80 N 
29 1 N7    A A 26 ? ? C8    A A 26 ? ? N9    A A 26 ? ? 117.48 113.80 3.68  0.50 N 
30 1 C8    A A 26 ? ? N9    A A 26 ? ? C4    A A 26 ? ? 103.27 105.80 -2.53 0.40 N 
31 1 N7    A A 27 ? ? C8    A A 27 ? ? N9    A A 27 ? ? 117.37 113.80 3.57  0.50 N 
32 1 C8    A A 27 ? ? N9    A A 27 ? ? C4    A A 27 ? ? 103.22 105.80 -2.58 0.40 N 
33 1 N7    A G 29 ? ? C8    A G 29 ? ? N9    A G 29 ? ? 117.85 113.10 4.75  0.50 N 
34 1 C8    A G 29 ? ? N9    A G 29 ? ? C4    A G 29 ? ? 103.38 106.40 -3.02 0.40 N 
35 1 N7    A G 30 ? ? C8    A G 30 ? ? N9    A G 30 ? ? 117.93 113.10 4.83  0.50 N 
36 1 C8    A G 30 ? ? N9    A G 30 ? ? C4    A G 30 ? ? 103.08 106.40 -3.32 0.40 N 
# 
loop_
_pdbx_validate_planes.id 
_pdbx_validate_planes.PDB_model_num 
_pdbx_validate_planes.auth_comp_id 
_pdbx_validate_planes.auth_asym_id 
_pdbx_validate_planes.auth_seq_id 
_pdbx_validate_planes.PDB_ins_code 
_pdbx_validate_planes.label_alt_id 
_pdbx_validate_planes.rmsd 
_pdbx_validate_planes.type 
1  1 A A 3  ? ? 0.061 'SIDE CHAIN' 
2  1 G A 4  ? ? 0.073 'SIDE CHAIN' 
3  1 U A 5  ? ? 0.070 'SIDE CHAIN' 
4  1 G A 6  ? ? 0.077 'SIDE CHAIN' 
5  1 G A 7  ? ? 0.061 'SIDE CHAIN' 
6  1 C A 10 ? ? 0.066 'SIDE CHAIN' 
7  1 C A 11 ? ? 0.058 'SIDE CHAIN' 
8  1 G A 12 ? ? 0.077 'SIDE CHAIN' 
9  1 C A 14 ? ? 0.065 'SIDE CHAIN' 
10 1 C A 15 ? ? 0.081 'SIDE CHAIN' 
11 1 A A 16 ? ? 0.085 'SIDE CHAIN' 
12 1 C A 17 ? ? 0.063 'SIDE CHAIN' 
13 1 U A 18 ? ? 0.086 'SIDE CHAIN' 
14 1 G A 29 ? ? 0.063 'SIDE CHAIN' 
15 1 G A 30 ? ? 0.084 'SIDE CHAIN' 
# 
_pdbx_struct_mod_residue.id               1 
_pdbx_struct_mod_residue.label_asym_id    A 
_pdbx_struct_mod_residue.label_comp_id    CH 
_pdbx_struct_mod_residue.label_seq_id     6 
_pdbx_struct_mod_residue.auth_asym_id     A 
_pdbx_struct_mod_residue.auth_comp_id     CH 
_pdbx_struct_mod_residue.auth_seq_id      8 
_pdbx_struct_mod_residue.PDB_ins_code     ? 
_pdbx_struct_mod_residue.parent_comp_id   C 
_pdbx_struct_mod_residue.details          
;N3-PROTONATED CYTIDINE-5'-MONOPHOSPHATE
;
# 
_pdbx_nmr_ensemble.entry_id                             2AP5 
_pdbx_nmr_ensemble.conformers_calculated_total_number   ? 
_pdbx_nmr_ensemble.conformers_submitted_total_number    1 
_pdbx_nmr_ensemble.conformer_selection_criteria         ? 
# 
_pdbx_nmr_representative.entry_id             2AP5 
_pdbx_nmr_representative.conformer_id         1 
_pdbx_nmr_representative.selection_criteria   'minimized average structure' 
# 
loop_
_pdbx_nmr_sample_details.solution_id 
_pdbx_nmr_sample_details.contents 
_pdbx_nmr_sample_details.solvent_system 
1 '2.7mM C27A ScYLV, 100mM KCl, 5mM MgCl2'                     '90% H2O/10% D2O' 
2 '2.7mM C27A ScYLV, 100mM KCl, 5mM MgCl2'                     '100% D2O'        
3 '2.7mM C27A ScYLV, 100mM KCl, 5mM MgCl2, 15 mg/ml PF1 phage' '100% D2O'        
# 
loop_
_pdbx_nmr_exptl_sample_conditions.conditions_id 
_pdbx_nmr_exptl_sample_conditions.temperature 
_pdbx_nmr_exptl_sample_conditions.pressure 
_pdbx_nmr_exptl_sample_conditions.pH 
_pdbx_nmr_exptl_sample_conditions.ionic_strength 
_pdbx_nmr_exptl_sample_conditions.pressure_units 
_pdbx_nmr_exptl_sample_conditions.temperature_units 
1 283 ambient 6.0 '100mM KCl, 5mM MgCl2' . K 
2 298 ambient 6.0 '100mM KCl, 5mM MgCl2' . K 
# 
loop_
_pdbx_nmr_exptl.experiment_id 
_pdbx_nmr_exptl.conditions_id 
_pdbx_nmr_exptl.type 
_pdbx_nmr_exptl.solution_id 
1 1 '2D NOESY' 1 
2 2 '2D NOESY' 2 
3 2 '2D TOCSY' 2 
4 2 TROSY      3 
# 
_pdbx_nmr_refine.entry_id           2AP5 
_pdbx_nmr_refine.method             
;simulated annealing starting with random coordinates followed by refinement with residual 
dipolar couplings
;
_pdbx_nmr_refine.details            ? 
_pdbx_nmr_refine.software_ordinal   1 
# 
loop_
_pdbx_nmr_software.classification 
_pdbx_nmr_software.name 
_pdbx_nmr_software.version 
_pdbx_nmr_software.authors 
_pdbx_nmr_software.ordinal 
processing           NMRPipe   'Mac OS X version' 'F. Delaglio, S. Grzesiek, G. W. Vuister, G. Zhu, J. Pfeifer and A. Bax'    1 
'data analysis'      Sparky    3                  'T. D. Goddard and D. G. Kneller'                                           2 
'structure solution' XPLOR-NIH 2.10               'G. Marius Clore , John Kuszewski, Charles D. Schwieters, and Nico Tjandra' 3 
refinement           XPLOR-NIH 2.10               'G. Marius Clore , John Kuszewski, Charles D. Schwieters, and Nico Tjandra' 4 
# 
loop_
_chem_comp_atom.comp_id 
_chem_comp_atom.atom_id 
_chem_comp_atom.type_symbol 
_chem_comp_atom.pdbx_aromatic_flag 
_chem_comp_atom.pdbx_stereo_config 
_chem_comp_atom.pdbx_ordinal 
A  OP3    O N N 1   
A  P      P N N 2   
A  OP1    O N N 3   
A  OP2    O N N 4   
A  "O5'"  O N N 5   
A  "C5'"  C N N 6   
A  "C4'"  C N R 7   
A  "O4'"  O N N 8   
A  "C3'"  C N S 9   
A  "O3'"  O N N 10  
A  "C2'"  C N R 11  
A  "O2'"  O N N 12  
A  "C1'"  C N R 13  
A  N9     N Y N 14  
A  C8     C Y N 15  
A  N7     N Y N 16  
A  C5     C Y N 17  
A  C6     C Y N 18  
A  N6     N N N 19  
A  N1     N Y N 20  
A  C2     C Y N 21  
A  N3     N Y N 22  
A  C4     C Y N 23  
A  HOP3   H N N 24  
A  HOP2   H N N 25  
A  "H5'"  H N N 26  
A  "H5''" H N N 27  
A  "H4'"  H N N 28  
A  "H3'"  H N N 29  
A  "HO3'" H N N 30  
A  "H2'"  H N N 31  
A  "HO2'" H N N 32  
A  "H1'"  H N N 33  
A  H8     H N N 34  
A  H61    H N N 35  
A  H62    H N N 36  
A  H2     H N N 37  
C  OP3    O N N 38  
C  P      P N N 39  
C  OP1    O N N 40  
C  OP2    O N N 41  
C  "O5'"  O N N 42  
C  "C5'"  C N N 43  
C  "C4'"  C N R 44  
C  "O4'"  O N N 45  
C  "C3'"  C N S 46  
C  "O3'"  O N N 47  
C  "C2'"  C N R 48  
C  "O2'"  O N N 49  
C  "C1'"  C N R 50  
C  N1     N N N 51  
C  C2     C N N 52  
C  O2     O N N 53  
C  N3     N N N 54  
C  C4     C N N 55  
C  N4     N N N 56  
C  C5     C N N 57  
C  C6     C N N 58  
C  HOP3   H N N 59  
C  HOP2   H N N 60  
C  "H5'"  H N N 61  
C  "H5''" H N N 62  
C  "H4'"  H N N 63  
C  "H3'"  H N N 64  
C  "HO3'" H N N 65  
C  "H2'"  H N N 66  
C  "HO2'" H N N 67  
C  "H1'"  H N N 68  
C  H41    H N N 69  
C  H42    H N N 70  
C  H5     H N N 71  
C  H6     H N N 72  
CH OP3    O N N 73  
CH P      P N N 74  
CH OP1    O N N 75  
CH OP2    O N N 76  
CH "O5'"  O N N 77  
CH "C5'"  C N N 78  
CH "C4'"  C N R 79  
CH "O4'"  O N N 80  
CH "C3'"  C N S 81  
CH "O3'"  O N N 82  
CH "C2'"  C N R 83  
CH "O2'"  O N N 84  
CH "C1'"  C N R 85  
CH N1     N N N 86  
CH C2     C N N 87  
CH O2     O N N 88  
CH N3     N N N 89  
CH C4     C N N 90  
CH N4     N N N 91  
CH C5     C N N 92  
CH C6     C N N 93  
CH HOP3   H N N 94  
CH HOP2   H N N 95  
CH "H5'"  H N N 96  
CH "H5''" H N N 97  
CH "H4'"  H N N 98  
CH "H3'"  H N N 99  
CH "HO3'" H N N 100 
CH "H2'"  H N N 101 
CH "HO2'" H N N 102 
CH "H1'"  H N N 103 
CH HN3    H N N 104 
CH H41    H N N 105 
CH H42    H N N 106 
CH H5     H N N 107 
CH H6     H N N 108 
G  OP3    O N N 109 
G  P      P N N 110 
G  OP1    O N N 111 
G  OP2    O N N 112 
G  "O5'"  O N N 113 
G  "C5'"  C N N 114 
G  "C4'"  C N R 115 
G  "O4'"  O N N 116 
G  "C3'"  C N S 117 
G  "O3'"  O N N 118 
G  "C2'"  C N R 119 
G  "O2'"  O N N 120 
G  "C1'"  C N R 121 
G  N9     N Y N 122 
G  C8     C Y N 123 
G  N7     N Y N 124 
G  C5     C Y N 125 
G  C6     C N N 126 
G  O6     O N N 127 
G  N1     N N N 128 
G  C2     C N N 129 
G  N2     N N N 130 
G  N3     N N N 131 
G  C4     C Y N 132 
G  HOP3   H N N 133 
G  HOP2   H N N 134 
G  "H5'"  H N N 135 
G  "H5''" H N N 136 
G  "H4'"  H N N 137 
G  "H3'"  H N N 138 
G  "HO3'" H N N 139 
G  "H2'"  H N N 140 
G  "HO2'" H N N 141 
G  "H1'"  H N N 142 
G  H8     H N N 143 
G  H1     H N N 144 
G  H21    H N N 145 
G  H22    H N N 146 
U  OP3    O N N 147 
U  P      P N N 148 
U  OP1    O N N 149 
U  OP2    O N N 150 
U  "O5'"  O N N 151 
U  "C5'"  C N N 152 
U  "C4'"  C N R 153 
U  "O4'"  O N N 154 
U  "C3'"  C N S 155 
U  "O3'"  O N N 156 
U  "C2'"  C N R 157 
U  "O2'"  O N N 158 
U  "C1'"  C N R 159 
U  N1     N N N 160 
U  C2     C N N 161 
U  O2     O N N 162 
U  N3     N N N 163 
U  C4     C N N 164 
U  O4     O N N 165 
U  C5     C N N 166 
U  C6     C N N 167 
U  HOP3   H N N 168 
U  HOP2   H N N 169 
U  "H5'"  H N N 170 
U  "H5''" H N N 171 
U  "H4'"  H N N 172 
U  "H3'"  H N N 173 
U  "HO3'" H N N 174 
U  "H2'"  H N N 175 
U  "HO2'" H N N 176 
U  "H1'"  H N N 177 
U  H3     H N N 178 
U  H5     H N N 179 
U  H6     H N N 180 
# 
loop_
_chem_comp_bond.comp_id 
_chem_comp_bond.atom_id_1 
_chem_comp_bond.atom_id_2 
_chem_comp_bond.value_order 
_chem_comp_bond.pdbx_aromatic_flag 
_chem_comp_bond.pdbx_stereo_config 
_chem_comp_bond.pdbx_ordinal 
A  OP3   P      sing N N 1   
A  OP3   HOP3   sing N N 2   
A  P     OP1    doub N N 3   
A  P     OP2    sing N N 4   
A  P     "O5'"  sing N N 5   
A  OP2   HOP2   sing N N 6   
A  "O5'" "C5'"  sing N N 7   
A  "C5'" "C4'"  sing N N 8   
A  "C5'" "H5'"  sing N N 9   
A  "C5'" "H5''" sing N N 10  
A  "C4'" "O4'"  sing N N 11  
A  "C4'" "C3'"  sing N N 12  
A  "C4'" "H4'"  sing N N 13  
A  "O4'" "C1'"  sing N N 14  
A  "C3'" "O3'"  sing N N 15  
A  "C3'" "C2'"  sing N N 16  
A  "C3'" "H3'"  sing N N 17  
A  "O3'" "HO3'" sing N N 18  
A  "C2'" "O2'"  sing N N 19  
A  "C2'" "C1'"  sing N N 20  
A  "C2'" "H2'"  sing N N 21  
A  "O2'" "HO2'" sing N N 22  
A  "C1'" N9     sing N N 23  
A  "C1'" "H1'"  sing N N 24  
A  N9    C8     sing Y N 25  
A  N9    C4     sing Y N 26  
A  C8    N7     doub Y N 27  
A  C8    H8     sing N N 28  
A  N7    C5     sing Y N 29  
A  C5    C6     sing Y N 30  
A  C5    C4     doub Y N 31  
A  C6    N6     sing N N 32  
A  C6    N1     doub Y N 33  
A  N6    H61    sing N N 34  
A  N6    H62    sing N N 35  
A  N1    C2     sing Y N 36  
A  C2    N3     doub Y N 37  
A  C2    H2     sing N N 38  
A  N3    C4     sing Y N 39  
C  OP3   P      sing N N 40  
C  OP3   HOP3   sing N N 41  
C  P     OP1    doub N N 42  
C  P     OP2    sing N N 43  
C  P     "O5'"  sing N N 44  
C  OP2   HOP2   sing N N 45  
C  "O5'" "C5'"  sing N N 46  
C  "C5'" "C4'"  sing N N 47  
C  "C5'" "H5'"  sing N N 48  
C  "C5'" "H5''" sing N N 49  
C  "C4'" "O4'"  sing N N 50  
C  "C4'" "C3'"  sing N N 51  
C  "C4'" "H4'"  sing N N 52  
C  "O4'" "C1'"  sing N N 53  
C  "C3'" "O3'"  sing N N 54  
C  "C3'" "C2'"  sing N N 55  
C  "C3'" "H3'"  sing N N 56  
C  "O3'" "HO3'" sing N N 57  
C  "C2'" "O2'"  sing N N 58  
C  "C2'" "C1'"  sing N N 59  
C  "C2'" "H2'"  sing N N 60  
C  "O2'" "HO2'" sing N N 61  
C  "C1'" N1     sing N N 62  
C  "C1'" "H1'"  sing N N 63  
C  N1    C2     sing N N 64  
C  N1    C6     sing N N 65  
C  C2    O2     doub N N 66  
C  C2    N3     sing N N 67  
C  N3    C4     doub N N 68  
C  C4    N4     sing N N 69  
C  C4    C5     sing N N 70  
C  N4    H41    sing N N 71  
C  N4    H42    sing N N 72  
C  C5    C6     doub N N 73  
C  C5    H5     sing N N 74  
C  C6    H6     sing N N 75  
CH OP3   P      sing N N 76  
CH OP3   HOP3   sing N N 77  
CH P     OP1    doub N N 78  
CH P     OP2    sing N N 79  
CH P     "O5'"  sing N N 80  
CH OP2   HOP2   sing N N 81  
CH "O5'" "C5'"  sing N N 82  
CH "C5'" "C4'"  sing N N 83  
CH "C5'" "H5'"  sing N N 84  
CH "C5'" "H5''" sing N N 85  
CH "C4'" "O4'"  sing N N 86  
CH "C4'" "C3'"  sing N N 87  
CH "C4'" "H4'"  sing N N 88  
CH "O4'" "C1'"  sing N N 89  
CH "C3'" "O3'"  sing N N 90  
CH "C3'" "C2'"  sing N N 91  
CH "C3'" "H3'"  sing N N 92  
CH "O3'" "HO3'" sing N N 93  
CH "C2'" "O2'"  sing N N 94  
CH "C2'" "C1'"  sing N N 95  
CH "C2'" "H2'"  sing N N 96  
CH "O2'" "HO2'" sing N N 97  
CH "C1'" N1     sing N N 98  
CH "C1'" "H1'"  sing N N 99  
CH N1    C2     sing N N 100 
CH N1    C6     doub N N 101 
CH C2    O2     doub N N 102 
CH C2    N3     sing N N 103 
CH N3    C4     sing N N 104 
CH N3    HN3    sing N N 105 
CH C4    N4     sing N N 106 
CH C4    C5     doub N N 107 
CH N4    H41    sing N N 108 
CH N4    H42    sing N N 109 
CH C5    C6     sing N N 110 
CH C5    H5     sing N N 111 
CH C6    H6     sing N N 112 
G  OP3   P      sing N N 113 
G  OP3   HOP3   sing N N 114 
G  P     OP1    doub N N 115 
G  P     OP2    sing N N 116 
G  P     "O5'"  sing N N 117 
G  OP2   HOP2   sing N N 118 
G  "O5'" "C5'"  sing N N 119 
G  "C5'" "C4'"  sing N N 120 
G  "C5'" "H5'"  sing N N 121 
G  "C5'" "H5''" sing N N 122 
G  "C4'" "O4'"  sing N N 123 
G  "C4'" "C3'"  sing N N 124 
G  "C4'" "H4'"  sing N N 125 
G  "O4'" "C1'"  sing N N 126 
G  "C3'" "O3'"  sing N N 127 
G  "C3'" "C2'"  sing N N 128 
G  "C3'" "H3'"  sing N N 129 
G  "O3'" "HO3'" sing N N 130 
G  "C2'" "O2'"  sing N N 131 
G  "C2'" "C1'"  sing N N 132 
G  "C2'" "H2'"  sing N N 133 
G  "O2'" "HO2'" sing N N 134 
G  "C1'" N9     sing N N 135 
G  "C1'" "H1'"  sing N N 136 
G  N9    C8     sing Y N 137 
G  N9    C4     sing Y N 138 
G  C8    N7     doub Y N 139 
G  C8    H8     sing N N 140 
G  N7    C5     sing Y N 141 
G  C5    C6     sing N N 142 
G  C5    C4     doub Y N 143 
G  C6    O6     doub N N 144 
G  C6    N1     sing N N 145 
G  N1    C2     sing N N 146 
G  N1    H1     sing N N 147 
G  C2    N2     sing N N 148 
G  C2    N3     doub N N 149 
G  N2    H21    sing N N 150 
G  N2    H22    sing N N 151 
G  N3    C4     sing N N 152 
U  OP3   P      sing N N 153 
U  OP3   HOP3   sing N N 154 
U  P     OP1    doub N N 155 
U  P     OP2    sing N N 156 
U  P     "O5'"  sing N N 157 
U  OP2   HOP2   sing N N 158 
U  "O5'" "C5'"  sing N N 159 
U  "C5'" "C4'"  sing N N 160 
U  "C5'" "H5'"  sing N N 161 
U  "C5'" "H5''" sing N N 162 
U  "C4'" "O4'"  sing N N 163 
U  "C4'" "C3'"  sing N N 164 
U  "C4'" "H4'"  sing N N 165 
U  "O4'" "C1'"  sing N N 166 
U  "C3'" "O3'"  sing N N 167 
U  "C3'" "C2'"  sing N N 168 
U  "C3'" "H3'"  sing N N 169 
U  "O3'" "HO3'" sing N N 170 
U  "C2'" "O2'"  sing N N 171 
U  "C2'" "C1'"  sing N N 172 
U  "C2'" "H2'"  sing N N 173 
U  "O2'" "HO2'" sing N N 174 
U  "C1'" N1     sing N N 175 
U  "C1'" "H1'"  sing N N 176 
U  N1    C2     sing N N 177 
U  N1    C6     sing N N 178 
U  C2    O2     doub N N 179 
U  C2    N3     sing N N 180 
U  N3    C4     sing N N 181 
U  N3    H3     sing N N 182 
U  C4    O4     doub N N 183 
U  C4    C5     sing N N 184 
U  C5    C6     doub N N 185 
U  C5    H5     sing N N 186 
U  C6    H6     sing N N 187 
# 
loop_
_ndb_struct_conf_na.entry_id 
_ndb_struct_conf_na.feature 
2AP5 'double helix'        
2AP5 'a-form double helix' 
2AP5 'triple helix'        
# 
loop_
_ndb_struct_na_base_pair.model_number 
_ndb_struct_na_base_pair.i_label_asym_id 
_ndb_struct_na_base_pair.i_label_comp_id 
_ndb_struct_na_base_pair.i_label_seq_id 
_ndb_struct_na_base_pair.i_symmetry 
_ndb_struct_na_base_pair.j_label_asym_id 
_ndb_struct_na_base_pair.j_label_comp_id 
_ndb_struct_na_base_pair.j_label_seq_id 
_ndb_struct_na_base_pair.j_symmetry 
_ndb_struct_na_base_pair.shear 
_ndb_struct_na_base_pair.stretch 
_ndb_struct_na_base_pair.stagger 
_ndb_struct_na_base_pair.buckle 
_ndb_struct_na_base_pair.propeller 
_ndb_struct_na_base_pair.opening 
_ndb_struct_na_base_pair.pair_number 
_ndb_struct_na_base_pair.pair_name 
_ndb_struct_na_base_pair.i_auth_asym_id 
_ndb_struct_na_base_pair.i_auth_seq_id 
_ndb_struct_na_base_pair.i_PDB_ins_code 
_ndb_struct_na_base_pair.j_auth_asym_id 
_ndb_struct_na_base_pair.j_auth_seq_id 
_ndb_struct_na_base_pair.j_PDB_ins_code 
_ndb_struct_na_base_pair.hbond_type_28 
_ndb_struct_na_base_pair.hbond_type_12 
1 A A 1  1_555 A U 16 1_555 0.012  -0.125 -0.006 0.217   -1.058 1.064  1 A_A3:U18_A  A 3  ? A 18 ? 20 1 
1 A G 2  1_555 A C 15 1_555 -0.127 -0.101 -0.029 -0.150  -0.215 -1.864 2 A_G4:C17_A  A 4  ? A 17 ? 19 1 
1 A U 3  1_555 A A 14 1_555 -0.020 -0.121 0.008  -0.365  -0.282 0.621  3 A_U5:A16_A  A 5  ? A 16 ? 20 1 
1 A G 4  1_555 A C 13 1_555 -0.063 -0.102 0.016  0.286   -0.282 -1.942 4 A_G6:C15_A  A 6  ? A 15 ? 19 1 
1 A G 5  1_555 A C 12 1_555 -0.048 -0.098 0.020  0.409   -0.353 -2.530 5 A_G7:C14_A  A 7  ? A 14 ? 19 1 
1 A C 26 1_555 A G 10 1_555 0.116  -0.085 0.221  -16.555 -5.625 -1.258 6 A_C28:G12_A A 28 ? A 12 ? 19 1 
1 A G 27 1_555 A C 9  1_555 -0.117 -0.109 0.011  0.336   -0.167 -1.625 7 A_G29:C11_A A 29 ? A 11 ? 19 1 
1 A G 28 1_555 A C 8  1_555 -0.128 -0.099 0.018  0.466   0.022  -1.151 8 A_G30:C10_A A 30 ? A 10 ? 19 1 
# 
loop_
_ndb_struct_na_base_pair_step.model_number 
_ndb_struct_na_base_pair_step.i_label_asym_id_1 
_ndb_struct_na_base_pair_step.i_label_comp_id_1 
_ndb_struct_na_base_pair_step.i_label_seq_id_1 
_ndb_struct_na_base_pair_step.i_symmetry_1 
_ndb_struct_na_base_pair_step.j_label_asym_id_1 
_ndb_struct_na_base_pair_step.j_label_comp_id_1 
_ndb_struct_na_base_pair_step.j_label_seq_id_1 
_ndb_struct_na_base_pair_step.j_symmetry_1 
_ndb_struct_na_base_pair_step.i_label_asym_id_2 
_ndb_struct_na_base_pair_step.i_label_comp_id_2 
_ndb_struct_na_base_pair_step.i_label_seq_id_2 
_ndb_struct_na_base_pair_step.i_symmetry_2 
_ndb_struct_na_base_pair_step.j_label_asym_id_2 
_ndb_struct_na_base_pair_step.j_label_comp_id_2 
_ndb_struct_na_base_pair_step.j_label_seq_id_2 
_ndb_struct_na_base_pair_step.j_symmetry_2 
_ndb_struct_na_base_pair_step.shift 
_ndb_struct_na_base_pair_step.slide 
_ndb_struct_na_base_pair_step.rise 
_ndb_struct_na_base_pair_step.tilt 
_ndb_struct_na_base_pair_step.roll 
_ndb_struct_na_base_pair_step.twist 
_ndb_struct_na_base_pair_step.x_displacement 
_ndb_struct_na_base_pair_step.y_displacement 
_ndb_struct_na_base_pair_step.helical_rise 
_ndb_struct_na_base_pair_step.inclination 
_ndb_struct_na_base_pair_step.tip 
_ndb_struct_na_base_pair_step.helical_twist 
_ndb_struct_na_base_pair_step.step_number 
_ndb_struct_na_base_pair_step.step_name 
_ndb_struct_na_base_pair_step.i_auth_asym_id_1 
_ndb_struct_na_base_pair_step.i_auth_seq_id_1 
_ndb_struct_na_base_pair_step.i_PDB_ins_code_1 
_ndb_struct_na_base_pair_step.j_auth_asym_id_1 
_ndb_struct_na_base_pair_step.j_auth_seq_id_1 
_ndb_struct_na_base_pair_step.j_PDB_ins_code_1 
_ndb_struct_na_base_pair_step.i_auth_asym_id_2 
_ndb_struct_na_base_pair_step.i_auth_seq_id_2 
_ndb_struct_na_base_pair_step.i_PDB_ins_code_2 
_ndb_struct_na_base_pair_step.j_auth_asym_id_2 
_ndb_struct_na_base_pair_step.j_auth_seq_id_2 
_ndb_struct_na_base_pair_step.j_PDB_ins_code_2 
1 A A 1  1_555 A U 16 1_555 A G 2  1_555 A C 15 1_555 -0.502 -1.132 2.725 -0.517 22.581 36.325  -3.264 0.652  1.766 32.637 0.747  
42.573  1 AA_A3G4:C17U18_AA   A 3  ? A 18 ? A 4  ? A 17 ? 
1 A G 2  1_555 A C 15 1_555 A U 3  1_555 A A 14 1_555 0.435  -1.185 2.886 -2.333 4.717  25.118  -3.792 -1.536 2.573 10.696 5.290  
25.655  2 AA_G4U5:A16C17_AA   A 4  ? A 17 ? A 5  ? A 16 ? 
1 A U 3  1_555 A A 14 1_555 A G 4  1_555 A C 13 1_555 0.023  -0.471 3.124 1.060  15.521 34.388  -2.605 0.092  2.674 24.744 -1.690 
37.646  3 AA_U5G6:C15A16_AA   A 5  ? A 16 ? A 6  ? A 15 ? 
1 A G 4  1_555 A C 13 1_555 A G 5  1_555 A C 12 1_555 1.130  -1.437 3.434 1.370  -0.880 24.384  -3.102 -2.216 3.540 -2.080 -3.238 
24.438  4 AA_G6G7:C14C15_AA   A 6  ? A 15 ? A 7  ? A 14 ? 
1 A G 5  1_555 A C 12 1_555 A C 26 1_555 A G 10 1_555 -4.555 0.124  4.717 6.853  0.349  113.971 0.068  2.821  4.537 0.208  -4.084 
114.104 5 AA_G7C28:G12C14_AA  A 7  ? A 14 ? A 28 ? A 12 ? 
1 A C 26 1_555 A G 10 1_555 A G 27 1_555 A C 9  1_555 -0.015 -1.872 2.460 -5.861 2.228  28.083  -4.134 -0.931 2.264 4.520  11.891 
28.761  6 AA_C28G29:C11G12_AA A 28 ? A 12 ? A 29 ? A 11 ? 
1 A G 27 1_555 A C 9  1_555 A G 28 1_555 A C 8  1_555 -0.285 -0.581 3.399 6.781  24.510 34.280  -3.273 1.077  2.397 36.084 -9.984 
42.454  7 AA_G29G30:C10C11_AA A 29 ? A 11 ? A 30 ? A 10 ? 
# 
_pdbx_nmr_spectrometer.spectrometer_id   1 
_pdbx_nmr_spectrometer.model             INOVA 
_pdbx_nmr_spectrometer.manufacturer      Varian 
_pdbx_nmr_spectrometer.field_strength    500 
_pdbx_nmr_spectrometer.type              ? 
# 
_atom_sites.entry_id                    2AP5 
_atom_sites.fract_transf_matrix[1][1]   1.000000 
_atom_sites.fract_transf_matrix[1][2]   0.000000 
_atom_sites.fract_transf_matrix[1][3]   0.000000 
_atom_sites.fract_transf_matrix[2][1]   0.000000 
_atom_sites.fract_transf_matrix[2][2]   1.000000 
_atom_sites.fract_transf_matrix[2][3]   0.000000 
_atom_sites.fract_transf_matrix[3][1]   0.000000 
_atom_sites.fract_transf_matrix[3][2]   0.000000 
_atom_sites.fract_transf_matrix[3][3]   1.000000 
_atom_sites.fract_transf_vector[1]      0.00000 
_atom_sites.fract_transf_vector[2]      0.00000 
_atom_sites.fract_transf_vector[3]      0.00000 
# 
loop_
_atom_type.symbol 
C 
H 
N 
O 
P 
# 
loop_
_atom_site.group_PDB 
_atom_site.id 
_atom_site.type_symbol 
_atom_site.label_atom_id 
_atom_site.label_alt_id 
_atom_site.label_comp_id 
_atom_site.label_asym_id 
_atom_site.label_entity_id 
_atom_site.label_seq_id 
_atom_site.pdbx_PDB_ins_code 
_atom_site.Cartn_x 
_atom_site.Cartn_y 
_atom_site.Cartn_z 
_atom_site.occupancy 
_atom_site.B_iso_or_equiv 
_atom_site.pdbx_formal_charge 
_atom_site.auth_seq_id 
_atom_site.auth_comp_id 
_atom_site.auth_asym_id 
_atom_site.auth_atom_id 
_atom_site.pdbx_PDB_model_num 
ATOM   1   P P      . A  A 1 1  ? 6.687   -5.552  12.113  1.00 2.44 ? 3  A  A P      1 
ATOM   2   O OP1    . A  A 1 1  ? 6.590   -4.976  10.753  1.00 2.87 ? 3  A  A OP1    1 
ATOM   3   O OP2    . A  A 1 1  ? 8.009   -5.918  12.668  1.00 3.23 ? 3  A  A OP2    1 
ATOM   4   O "O5'"  . A  A 1 1  ? 5.738   -6.847  12.179  1.00 2.30 ? 3  A  A "O5'"  1 
ATOM   5   C "C5'"  . A  A 1 1  ? 4.314   -6.713  12.221  1.00 2.25 ? 3  A  A "C5'"  1 
ATOM   6   C "C4'"  . A  A 1 1  ? 3.633   -8.063  12.042  1.00 2.08 ? 3  A  A "C4'"  1 
ATOM   7   O "O4'"  . A  A 1 1  ? 2.225   -7.951  12.341  1.00 1.98 ? 3  A  A "O4'"  1 
ATOM   8   C "C3'"  . A  A 1 1  ? 3.715   -8.613  10.617  1.00 2.00 ? 3  A  A "C3'"  1 
ATOM   9   O "O3'"  . A  A 1 1  ? 4.843   -9.478  10.419  1.00 2.17 ? 3  A  A "O3'"  1 
ATOM   10  C "C2'"  . A  A 1 1  ? 2.399   -9.346  10.448  1.00 1.96 ? 3  A  A "C2'"  1 
ATOM   11  O "O2'"  . A  A 1 1  ? 2.435   -10.682 11.014  1.00 2.27 ? 3  A  A "O2'"  1 
ATOM   12  C "C1'"  . A  A 1 1  ? 1.449   -8.577  11.286  1.00 1.86 ? 3  A  A "C1'"  1 
ATOM   13  N N9     . A  A 1 1  ? 0.606   -7.591  10.585  1.00 1.63 ? 3  A  A N9     1 
ATOM   14  C C8     . A  A 1 1  ? 0.501   -6.252  10.793  1.00 1.64 ? 3  A  A C8     1 
ATOM   15  N N7     . A  A 1 1  ? -0.484  -5.634  10.231  1.00 1.57 ? 3  A  A N7     1 
ATOM   16  C C5     . A  A 1 1  ? -1.122  -6.676  9.557   1.00 1.43 ? 3  A  A C5     1 
ATOM   17  C C6     . A  A 1 1  ? -2.263  -6.726  8.747   1.00 1.33 ? 3  A  A C6     1 
ATOM   18  N N6     . A  A 1 1  ? -3.012  -5.656  8.458   1.00 1.42 ? 3  A  A N6     1 
ATOM   19  N N1     . A  A 1 1  ? -2.607  -7.920  8.243   1.00 1.24 ? 3  A  A N1     1 
ATOM   20  C C2     . A  A 1 1  ? -1.883  -9.006  8.515   1.00 1.34 ? 3  A  A C2     1 
ATOM   21  N N3     . A  A 1 1  ? -0.792  -9.077  9.267   1.00 1.49 ? 3  A  A N3     1 
ATOM   22  C C4     . A  A 1 1  ? -0.463  -7.868  9.762   1.00 1.48 ? 3  A  A C4     1 
ATOM   23  H "H5'"  . A  A 1 1  ? 3.990   -6.034  11.432  1.00 2.61 ? 3  A  A "H5'"  1 
ATOM   24  H "H5''" . A  A 1 1  ? 4.012   -6.305  13.201  1.00 2.49 ? 3  A  A "H5''" 1 
ATOM   25  H "H4'"  . A  A 1 1  ? 4.100   -8.772  12.734  1.00 2.28 ? 3  A  A "H4'"  1 
ATOM   26  H "H3'"  . A  A 1 1  ? 3.749   -7.780  9.905   1.00 2.02 ? 3  A  A "H3'"  1 
ATOM   27  H "H2'"  . A  A 1 1  ? 2.079   -9.370  9.414   1.00 2.00 ? 3  A  A "H2'"  1 
ATOM   28  H "HO2'" . A  A 1 1  ? 3.123   -10.690 11.683  1.00 2.67 ? 3  A  A "HO2'" 1 
ATOM   29  H "H1'"  . A  A 1 1  ? 0.786   -9.323  11.754  1.00 2.08 ? 3  A  A "H1'"  1 
ATOM   30  H H8     . A  A 1 1  ? 1.217   -5.721  11.421  1.00 1.77 ? 3  A  A H8     1 
ATOM   31  H H61    . A  A 1 1  ? -3.845  -5.759  7.843   1.00 1.44 ? 3  A  A H61    1 
ATOM   32  H H62    . A  A 1 1  ? -2.765  -4.750  8.829   1.00 1.58 ? 3  A  A H62    1 
ATOM   33  H H2     . A  A 1 1  ? -2.224  -9.940  8.066   1.00 1.38 ? 3  A  A H2     1 
ATOM   34  P P      . G  A 1 2  ? 5.935   -9.141  9.273   1.00 2.22 ? 4  G  A P      1 
ATOM   35  O OP1    . G  A 1 2  ? 7.155   -9.933  9.551   1.00 2.91 ? 4  G  A OP1    1 
ATOM   36  O OP2    . G  A 1 2  ? 6.028   -7.669  9.143   1.00 2.64 ? 4  G  A OP2    1 
ATOM   37  O "O5'"  . G  A 1 2  ? 5.252   -9.724  7.929   1.00 2.01 ? 4  G  A "O5'"  1 
ATOM   38  C "C5'"  . G  A 1 2  ? 4.993   -11.127 7.818   1.00 1.97 ? 4  G  A "C5'"  1 
ATOM   39  C "C4'"  . G  A 1 2  ? 3.962   -11.491 6.750   1.00 1.82 ? 4  G  A "C4'"  1 
ATOM   40  O "O4'"  . G  A 1 2  ? 2.647   -11.018 7.113   1.00 1.79 ? 4  G  A "O4'"  1 
ATOM   41  C "C3'"  . G  A 1 2  ? 4.227   -10.904 5.365   1.00 1.72 ? 4  G  A "C3'"  1 
ATOM   42  O "O3'"  . G  A 1 2  ? 5.122   -11.701 4.560   1.00 1.75 ? 4  G  A "O3'"  1 
ATOM   43  C "C2'"  . G  A 1 2  ? 2.835   -10.875 4.771   1.00 1.64 ? 4  G  A "C2'"  1 
ATOM   44  O "O2'"  . G  A 1 2  ? 2.461   -12.190 4.289   1.00 1.65 ? 4  G  A "O2'"  1 
ATOM   45  C "C1'"  . G  A 1 2  ? 1.933   -10.611 5.915   1.00 1.67 ? 4  G  A "C1'"  1 
ATOM   46  N N9     . G  A 1 2  ? 1.369   -9.263  6.080   1.00 1.60 ? 4  G  A N9     1 
ATOM   47  C C8     . G  A 1 2  ? 1.646   -8.340  7.035   1.00 1.70 ? 4  G  A C8     1 
ATOM   48  N N7     . G  A 1 2  ? 0.815   -7.367  7.197   1.00 1.62 ? 4  G  A N7     1 
ATOM   49  C C5     . G  A 1 2  ? -0.151  -7.650  6.232   1.00 1.44 ? 4  G  A C5     1 
ATOM   50  C C6     . G  A 1 2  ? -1.335  -6.937  5.904   1.00 1.30 ? 4  G  A C6     1 
ATOM   51  O O6     . G  A 1 2  ? -1.751  -5.894  6.404   1.00 1.31 ? 4  G  A O6     1 
ATOM   52  N N1     . G  A 1 2  ? -2.031  -7.547  4.864   1.00 1.16 ? 4  G  A N1     1 
ATOM   53  C C2     . G  A 1 2  ? -1.636  -8.708  4.218   1.00 1.16 ? 4  G  A C2     1 
ATOM   54  N N2     . G  A 1 2  ? -2.434  -9.141  3.237   1.00 1.04 ? 4  G  A N2     1 
ATOM   55  N N3     . G  A 1 2  ? -0.519  -9.384  4.525   1.00 1.30 ? 4  G  A N3     1 
ATOM   56  C C4     . G  A 1 2  ? 0.176   -8.802  5.536   1.00 1.43 ? 4  G  A C4     1 
ATOM   57  H "H5'"  . G  A 1 2  ? 4.586   -11.476 8.758   1.00 2.11 ? 4  G  A "H5'"  1 
ATOM   58  H "H5''" . G  A 1 2  ? 5.936   -11.651 7.626   1.00 2.55 ? 4  G  A "H5''" 1 
ATOM   59  H "H4'"  . G  A 1 2  ? 3.932   -12.578 6.670   1.00 1.87 ? 4  G  A "H4'"  1 
ATOM   60  H "H3'"  . G  A 1 2  ? 4.605   -9.880  5.464   1.00 1.77 ? 4  G  A "H3'"  1 
ATOM   61  H "H2'"  . G  A 1 2  ? 2.737   -10.126 3.999   1.00 1.61 ? 4  G  A "H2'"  1 
ATOM   62  H "HO2'" . G  A 1 2  ? 1.583   -12.115 3.909   1.00 1.83 ? 4  G  A "HO2'" 1 
ATOM   63  H "H1'"  . G  A 1 2  ? 1.080   -11.296 5.800   1.00 1.66 ? 4  G  A "H1'"  1 
ATOM   64  H H8     . G  A 1 2  ? 2.538   -8.424  7.651   1.00 1.85 ? 4  G  A H8     1 
ATOM   65  H H1     . G  A 1 2  ? -2.908  -7.078  4.562   1.00 1.06 ? 4  G  A H1     1 
ATOM   66  H H21    . G  A 1 2  ? -3.275  -8.627  3.003   1.00 0.96 ? 4  G  A H21    1 
ATOM   67  H H22    . G  A 1 2  ? -2.198  -9.979  2.726   1.00 1.07 ? 4  G  A H22    1 
ATOM   68  P P      . U  A 1 3  ? 6.037   -11.015 3.399   1.00 1.79 ? 5  U  A P      1 
ATOM   69  O OP1    . U  A 1 3  ? 6.955   -12.046 2.865   1.00 2.69 ? 5  U  A OP1    1 
ATOM   70  O OP2    . U  A 1 3  ? 6.585   -9.751  3.941   1.00 2.29 ? 5  U  A OP2    1 
ATOM   71  O "O5'"  . U  A 1 3  ? 4.967   -10.646 2.246   1.00 1.39 ? 5  U  A "O5'"  1 
ATOM   72  C "C5'"  . U  A 1 3  ? 3.882   -11.534 1.978   1.00 1.28 ? 5  U  A "C5'"  1 
ATOM   73  C "C4'"  . U  A 1 3  ? 2.597   -10.808 1.569   1.00 1.06 ? 5  U  A "C4'"  1 
ATOM   74  O "O4'"  . U  A 1 3  ? 2.095   -9.965  2.602   1.00 1.01 ? 5  U  A "O4'"  1 
ATOM   75  C "C3'"  . U  A 1 3  ? 2.712   -9.880  0.370   1.00 1.09 ? 5  U  A "C3'"  1 
ATOM   76  O "O3'"  . U  A 1 3  ? 2.769   -10.587 -0.876  1.00 1.35 ? 5  U  A "O3'"  1 
ATOM   77  C "C2'"  . U  A 1 3  ? 1.436   -9.062  0.502   1.00 0.99 ? 5  U  A "C2'"  1 
ATOM   78  O "O2'"  . U  A 1 3  ? 0.322   -9.734  -0.129  1.00 1.02 ? 5  U  A "O2'"  1 
ATOM   79  C "C1'"  . U  A 1 3  ? 1.161   -9.066  1.979   1.00 0.95 ? 5  U  A "C1'"  1 
ATOM   80  N N1     . U  A 1 3  ? 1.072   -7.777  2.686   1.00 0.95 ? 5  U  A N1     1 
ATOM   81  C C2     . U  A 1 3  ? -0.026  -6.979  2.412   1.00 0.87 ? 5  U  A C2     1 
ATOM   82  O O2     . U  A 1 3  ? -0.789  -7.211  1.479   1.00 0.82 ? 5  U  A O2     1 
ATOM   83  N N3     . U  A 1 3  ? -0.228  -5.909  3.263   1.00 0.87 ? 5  U  A N3     1 
ATOM   84  C C4     . U  A 1 3  ? 0.560   -5.563  4.344   1.00 0.97 ? 5  U  A C4     1 
ATOM   85  O O4     . U  A 1 3  ? 0.276   -4.591  5.037   1.00 0.99 ? 5  U  A O4     1 
ATOM   86  C C5     . U  A 1 3  ? 1.690   -6.436  4.551   1.00 1.06 ? 5  U  A C5     1 
ATOM   87  C C6     . U  A 1 3  ? 1.912   -7.492  3.733   1.00 1.05 ? 5  U  A C6     1 
ATOM   88  H "H5'"  . U  A 1 3  ? 3.678   -12.106 2.882   1.00 1.76 ? 5  U  A "H5'"  1 
ATOM   89  H "H5''" . U  A 1 3  ? 4.161   -12.233 1.193   1.00 1.70 ? 5  U  A "H5''" 1 
ATOM   90  H "H4'"  . U  A 1 3  ? 1.838   -11.557 1.353   1.00 1.09 ? 5  U  A "H4'"  1 
ATOM   91  H "H3'"  . U  A 1 3  ? 3.583   -9.228  0.490   1.00 1.17 ? 5  U  A "H3'"  1 
ATOM   92  H "H2'"  . U  A 1 3  ? 1.563   -8.051  0.122   1.00 1.04 ? 5  U  A "H2'"  1 
ATOM   93  H "HO2'" . U  A 1 3  ? 0.642   -10.584 -0.442  1.00 1.40 ? 5  U  A "HO2'" 1 
ATOM   94  H "H1'"  . U  A 1 3  ? 0.188   -9.555  2.083   1.00 0.94 ? 5  U  A "H1'"  1 
ATOM   95  H H3     . U  A 1 3  ? -1.025  -5.337  3.083   1.00 0.82 ? 5  U  A H3     1 
ATOM   96  H H5     . U  A 1 3  ? 2.366   -6.251  5.385   1.00 1.16 ? 5  U  A H5     1 
ATOM   97  H H6     . U  A 1 3  ? 2.768   -8.136  3.920   1.00 1.13 ? 5  U  A H6     1 
ATOM   98  P P      . G  A 1 4  ? 4.004   -10.342 -1.889  1.00 1.40 ? 6  G  A P      1 
ATOM   99  O OP1    . G  A 1 4  ? 3.985   -11.419 -2.905  1.00 2.29 ? 6  G  A OP1    1 
ATOM   100 O OP2    . G  A 1 4  ? 5.223   -10.113 -1.083  1.00 2.06 ? 6  G  A OP2    1 
ATOM   101 O "O5'"  . G  A 1 4  ? 3.616   -8.955  -2.621  1.00 1.04 ? 6  G  A "O5'"  1 
ATOM   102 C "C5'"  . G  A 1 4  ? 2.632   -8.941  -3.665  1.00 1.06 ? 6  G  A "C5'"  1 
ATOM   103 C "C4'"  . G  A 1 4  ? 1.672   -7.760  -3.566  1.00 0.98 ? 6  G  A "C4'"  1 
ATOM   104 O "O4'"  . G  A 1 4  ? 1.476   -7.352  -2.219  1.00 1.04 ? 6  G  A "O4'"  1 
ATOM   105 C "C3'"  . G  A 1 4  ? 2.107   -6.488  -4.286  1.00 1.02 ? 6  G  A "C3'"  1 
ATOM   106 O "O3'"  . G  A 1 4  ? 1.866   -6.550  -5.702  1.00 1.15 ? 6  G  A "O3'"  1 
ATOM   107 C "C2'"  . G  A 1 4  ? 1.234   -5.443  -3.614  1.00 1.04 ? 6  G  A "C2'"  1 
ATOM   108 O "O2'"  . G  A 1 4  ? -0.051  -5.364  -4.270  1.00 1.13 ? 6  G  A "O2'"  1 
ATOM   109 C "C1'"  . G  A 1 4  ? 0.974   -6.005  -2.252  1.00 1.02 ? 6  G  A "C1'"  1 
ATOM   110 N N9     . G  A 1 4  ? 1.394   -5.257  -1.068  1.00 1.03 ? 6  G  A N9     1 
ATOM   111 C C8     . G  A 1 4  ? 2.280   -5.617  -0.102  1.00 1.09 ? 6  G  A C8     1 
ATOM   112 N N7     . G  A 1 4  ? 2.247   -4.973  1.013   1.00 1.10 ? 6  G  A N7     1 
ATOM   113 C C5     . G  A 1 4  ? 1.219   -4.058  0.782   1.00 1.02 ? 6  G  A C5     1 
ATOM   114 C C6     . G  A 1 4  ? 0.692   -3.059  1.637   1.00 1.01 ? 6  G  A C6     1 
ATOM   115 O O6     . G  A 1 4  ? 1.035   -2.791  2.775   1.00 1.06 ? 6  G  A O6     1 
ATOM   116 N N1     . G  A 1 4  ? -0.336  -2.346  1.031   1.00 0.93 ? 6  G  A N1     1 
ATOM   117 C C2     . G  A 1 4  ? -0.804  -2.577  -0.260  1.00 0.90 ? 6  G  A C2     1 
ATOM   118 N N2     . G  A 1 4  ? -1.802  -1.802  -0.697  1.00 0.86 ? 6  G  A N2     1 
ATOM   119 N N3     . G  A 1 4  ? -0.307  -3.521  -1.066  1.00 0.93 ? 6  G  A N3     1 
ATOM   120 C C4     . G  A 1 4  ? 0.697   -4.219  -0.487  1.00 0.99 ? 6  G  A C4     1 
ATOM   121 H "H5'"  . G  A 1 4  ? 2.024   -9.831  -3.576  1.00 1.29 ? 6  G  A "H5'"  1 
ATOM   122 H "H5''" . G  A 1 4  ? 3.133   -8.952  -4.632  1.00 1.27 ? 6  G  A "H5''" 1 
ATOM   123 H "H4'"  . G  A 1 4  ? 0.710   -8.068  -3.963  1.00 1.00 ? 6  G  A "H4'"  1 
ATOM   124 H "H3'"  . G  A 1 4  ? 3.161   -6.284  -4.077  1.00 1.08 ? 6  G  A "H3'"  1 
ATOM   125 H "H2'"  . G  A 1 4  ? 1.724   -4.476  -3.561  1.00 1.10 ? 6  G  A "H2'"  1 
ATOM   126 H "HO2'" . G  A 1 4  ? -0.039  -5.989  -4.998  1.00 1.56 ? 6  G  A "HO2'" 1 
ATOM   127 H "H1'"  . G  A 1 4  ? -0.113  -6.099  -2.183  1.00 1.02 ? 6  G  A "H1'"  1 
ATOM   128 H H8     . G  A 1 4  ? 2.983   -6.435  -0.259  1.00 1.14 ? 6  G  A H8     1 
ATOM   129 H H1     . G  A 1 4  ? -0.768  -1.590  1.610   1.00 0.93 ? 6  G  A H1     1 
ATOM   130 H H21    . G  A 1 4  ? -2.183  -1.082  -0.098  1.00 0.85 ? 6  G  A H21    1 
ATOM   131 H H22    . G  A 1 4  ? -2.174  -1.934  -1.626  1.00 0.86 ? 6  G  A H22    1 
ATOM   132 P P      . G  A 1 5  ? 1.577   -5.210  -6.566  1.00 1.30 ? 7  G  A P      1 
ATOM   133 O OP1    . G  A 1 5  ? 0.620   -4.364  -5.821  1.00 2.14 ? 7  G  A OP1    1 
ATOM   134 O OP2    . G  A 1 5  ? 1.262   -5.622  -7.952  1.00 1.89 ? 7  G  A OP2    1 
ATOM   135 O "O5'"  . G  A 1 5  ? 3.006   -4.452  -6.588  1.00 1.14 ? 7  G  A "O5'"  1 
ATOM   136 C "C5'"  . G  A 1 5  ? 3.409   -3.582  -5.511  1.00 1.04 ? 7  G  A "C5'"  1 
ATOM   137 C "C4'"  . G  A 1 5  ? 2.260   -2.752  -4.958  1.00 0.95 ? 7  G  A "C4'"  1 
ATOM   138 O "O4'"  . G  A 1 5  ? 2.177   -2.907  -3.539  1.00 0.90 ? 7  G  A "O4'"  1 
ATOM   139 C "C3'"  . G  A 1 5  ? 2.403   -1.258  -5.199  1.00 0.96 ? 7  G  A "C3'"  1 
ATOM   140 O "O3'"  . G  A 1 5  ? 1.839   -0.879  -6.461  1.00 1.11 ? 7  G  A "O3'"  1 
ATOM   141 C "C2'"  . G  A 1 5  ? 1.647   -0.641  -4.037  1.00 0.91 ? 7  G  A "C2'"  1 
ATOM   142 O "O2'"  . G  A 1 5  ? 0.248   -0.452  -4.355  1.00 1.04 ? 7  G  A "O2'"  1 
ATOM   143 C "C1'"  . G  A 1 5  ? 1.708   -1.677  -2.957  1.00 0.85 ? 7  G  A "C1'"  1 
ATOM   144 N N9     . G  A 1 5  ? 2.465   -1.359  -1.739  1.00 0.88 ? 7  G  A N9     1 
ATOM   145 C C8     . G  A 1 5  ? 3.497   -2.051  -1.193  1.00 0.96 ? 7  G  A C8     1 
ATOM   146 N N7     . G  A 1 5  ? 3.850   -1.758  0.008   1.00 1.01 ? 7  G  A N7     1 
ATOM   147 C C5     . G  A 1 5  ? 2.955   -0.738  0.329   1.00 0.94 ? 7  G  A C5     1 
ATOM   148 C C6     . G  A 1 5  ? 2.836   0.001   1.530   1.00 0.97 ? 7  G  A C6     1 
ATOM   149 O O6     . G  A 1 5  ? 3.503   -0.112  2.538   1.00 1.08 ? 7  G  A O6     1 
ATOM   150 N N1     . G  A 1 5  ? 1.818   0.941   1.473   1.00 0.89 ? 7  G  A N1     1 
ATOM   151 C C2     . G  A 1 5  ? 0.995   1.145   0.361   1.00 0.81 ? 7  G  A C2     1 
ATOM   152 N N2     . G  A 1 5  ? 0.054   2.095   0.461   1.00 0.79 ? 7  G  A N2     1 
ATOM   153 N N3     . G  A 1 5  ? 1.106   0.442   -0.782  1.00 0.80 ? 7  G  A N3     1 
ATOM   154 C C4     . G  A 1 5  ? 2.102   -0.478  -0.730  1.00 0.86 ? 7  G  A C4     1 
ATOM   155 H "H5'"  . G  A 1 5  ? 4.162   -2.891  -5.865  1.00 1.29 ? 7  G  A "H5'"  1 
ATOM   156 H "H5''" . G  A 1 5  ? 3.825   -4.214  -4.708  1.00 1.17 ? 7  G  A "H5''" 1 
ATOM   157 H "H4'"  . G  A 1 5  ? 1.326   -3.095  -5.397  1.00 1.04 ? 7  G  A "H4'"  1 
ATOM   158 H "H3'"  . G  A 1 5  ? 3.457   -0.973  -5.148  1.00 0.97 ? 7  G  A "H3'"  1 
ATOM   159 H "H2'"  . G  A 1 5  ? 2.113   0.292   -3.715  1.00 0.94 ? 7  G  A "H2'"  1 
ATOM   160 H "HO2'" . G  A 1 5  ? 0.080   -0.915  -5.178  1.00 1.39 ? 7  G  A "HO2'" 1 
ATOM   161 H "H1'"  . G  A 1 5  ? 0.674   -1.856  -2.649  1.00 0.85 ? 7  G  A "H1'"  1 
ATOM   162 H H8     . G  A 1 5  ? 3.999   -2.842  -1.749  1.00 1.00 ? 7  G  A H8     1 
ATOM   163 H H1     . G  A 1 5  ? 1.689   1.521   2.340   1.00 0.92 ? 7  G  A H1     1 
ATOM   164 H H21    . G  A 1 5  ? -0.033  2.630   1.316   1.00 0.81 ? 7  G  A H21    1 
ATOM   165 H H22    . G  A 1 5  ? -0.565  2.281   -0.314  1.00 0.77 ? 7  G  A H22    1 
HETATM 166 P P      . CH A 1 6  ? 1.440   0.653   -6.765  1.00 1.41 ? 8  CH A P      1 
HETATM 167 O OP1    . CH A 1 6  ? 0.561   1.133   -5.677  1.00 2.24 ? 8  CH A OP1    1 
HETATM 168 O OP2    . CH A 1 6  ? 0.979   0.736   -8.170  1.00 2.12 ? 8  CH A OP2    1 
HETATM 169 O "O5'"  . CH A 1 6  ? 2.847   1.431   -6.654  1.00 1.43 ? 8  CH A "O5'"  1 
HETATM 170 C "C5'"  . CH A 1 6  ? 2.964   2.762   -7.169  1.00 1.28 ? 8  CH A "C5'"  1 
HETATM 171 C "C4'"  . CH A 1 6  ? 2.252   3.768   -6.270  1.00 0.96 ? 8  CH A "C4'"  1 
HETATM 172 O "O4'"  . CH A 1 6  ? 2.120   3.267   -4.930  1.00 1.06 ? 8  CH A "O4'"  1 
HETATM 173 C "C3'"  . CH A 1 6  ? 2.993   5.089   -6.148  1.00 1.38 ? 8  CH A "C3'"  1 
HETATM 174 O "O3'"  . CH A 1 6  ? 2.623   6.018   -7.171  1.00 1.77 ? 8  CH A "O3'"  1 
HETATM 175 C "C2'"  . CH A 1 6  ? 2.595   5.583   -4.780  1.00 1.67 ? 8  CH A "C2'"  1 
HETATM 176 O "O2'"  . CH A 1 6  ? 1.317   6.270   -4.819  1.00 2.43 ? 8  CH A "O2'"  1 
HETATM 177 C "C1'"  . CH A 1 6  ? 2.339   4.350   -3.999  1.00 1.19 ? 8  CH A "C1'"  1 
HETATM 178 N N1     . CH A 1 6  ? 3.310   3.966   -2.967  1.00 0.98 ? 8  CH A N1     1 
HETATM 179 C C2     . CH A 1 6  ? 3.231   4.650   -1.758  1.00 0.96 ? 8  CH A C2     1 
HETATM 180 O O2     . CH A 1 6  ? 2.547   5.661   -1.622  1.00 1.08 ? 8  CH A O2     1 
HETATM 181 N N3     . CH A 1 6  ? 3.950   4.115   -0.710  1.00 0.95 ? 8  CH A N3     1 
HETATM 182 C C4     . CH A 1 6  ? 4.709   2.981   -0.835  1.00 0.95 ? 8  CH A C4     1 
HETATM 183 N N4     . CH A 1 6  ? 5.352   2.522   0.238   1.00 1.12 ? 8  CH A N4     1 
HETATM 184 C C5     . CH A 1 6  ? 4.785   2.307   -2.087  1.00 0.95 ? 8  CH A C5     1 
HETATM 185 C C6     . CH A 1 6  ? 4.079   2.830   -3.121  1.00 0.97 ? 8  CH A C6     1 
HETATM 186 H "H5'"  . CH A 1 6  ? 2.505   2.788   -8.157  1.00 1.85 ? 8  CH A "H5'"  1 
HETATM 187 H "H5''" . CH A 1 6  ? 4.019   3.027   -7.250  1.00 1.71 ? 8  CH A "H5''" 1 
HETATM 188 H "H4'"  . CH A 1 6  ? 1.257   3.955   -6.670  1.00 1.21 ? 8  CH A "H4'"  1 
HETATM 189 H "H3'"  . CH A 1 6  ? 4.071   4.908   -6.170  1.00 1.63 ? 8  CH A "H3'"  1 
HETATM 190 H "H2'"  . CH A 1 6  ? 3.370   6.199   -4.326  1.00 2.00 ? 8  CH A "H2'"  1 
HETATM 191 H "HO2'" . CH A 1 6  ? 0.931   6.108   -5.682  1.00 2.86 ? 8  CH A "HO2'" 1 
HETATM 192 H "H1'"  . CH A 1 6  ? 1.397   4.559   -3.486  1.00 1.76 ? 8  CH A "H1'"  1 
HETATM 193 H HN3    . CH A 1 6  ? 3.875   4.593   0.189   1.00 1.03 ? 8  CH A HN3    1 
HETATM 194 H H41    . CH A 1 6  ? 5.908   1.682   0.170   1.00 1.73 ? 8  CH A H41    1 
HETATM 195 H H42    . CH A 1 6  ? 5.288   2.999   1.099   1.00 0.91 ? 8  CH A H42    1 
HETATM 196 H H5     . CH A 1 6  ? 5.320   1.364   -2.186  1.00 1.04 ? 8  CH A H5     1 
HETATM 197 H H6     . CH A 1 6  ? 4.106   2.332   -4.089  1.00 1.10 ? 8  CH A H6     1 
ATOM   198 P P      . G  A 1 7  ? 3.653   7.177   -7.613  1.00 2.01 ? 9  G  A P      1 
ATOM   199 O OP1    . G  A 1 7  ? 2.946   8.475   -7.547  1.00 2.55 ? 9  G  A OP1    1 
ATOM   200 O OP2    . G  A 1 7  ? 4.310   6.758   -8.871  1.00 2.56 ? 9  G  A OP2    1 
ATOM   201 O "O5'"  . G  A 1 7  ? 4.756   7.143   -6.434  1.00 2.08 ? 9  G  A "O5'"  1 
ATOM   202 C "C5'"  . G  A 1 7  ? 6.157   7.268   -6.735  1.00 2.22 ? 9  G  A "C5'"  1 
ATOM   203 C "C4'"  . G  A 1 7  ? 6.689   6.070   -7.508  1.00 2.32 ? 9  G  A "C4'"  1 
ATOM   204 O "O4'"  . G  A 1 7  ? 6.772   6.379   -8.914  1.00 3.03 ? 9  G  A "O4'"  1 
ATOM   205 C "C3'"  . G  A 1 7  ? 8.084   5.665   -7.039  1.00 1.93 ? 9  G  A "C3'"  1 
ATOM   206 O "O3'"  . G  A 1 7  ? 8.049   4.522   -6.166  1.00 2.12 ? 9  G  A "O3'"  1 
ATOM   207 C "C2'"  . G  A 1 7  ? 8.849   5.361   -8.303  1.00 2.42 ? 9  G  A "C2'"  1 
ATOM   208 O "O2'"  . G  A 1 7  ? 8.927   3.949   -8.523  1.00 2.67 ? 9  G  A "O2'"  1 
ATOM   209 C "C1'"  . G  A 1 7  ? 8.074   6.025   -9.428  1.00 3.20 ? 9  G  A "C1'"  1 
ATOM   210 N N9     . G  A 1 7  ? 8.790   7.222   -9.910  1.00 3.96 ? 9  G  A N9     1 
ATOM   211 C C8     . G  A 1 7  ? 9.538   8.115   -9.216  1.00 4.71 ? 9  G  A C8     1 
ATOM   212 N N7     . G  A 1 7  ? 10.066  9.093   -9.869  1.00 5.57 ? 9  G  A N7     1 
ATOM   213 C C5     . G  A 1 7  ? 9.625   8.836   -11.171 1.00 5.44 ? 9  G  A C5     1 
ATOM   214 C C6     . G  A 1 7  ? 9.869   9.556   -12.371 1.00 6.35 ? 9  G  A C6     1 
ATOM   215 O O6     . G  A 1 7  ? 10.530  10.582  -12.523 1.00 7.28 ? 9  G  A O6     1 
ATOM   216 N N1     . G  A 1 7  ? 9.243   8.961   -13.458 1.00 6.35 ? 9  G  A N1     1 
ATOM   217 C C2     . G  A 1 7  ? 8.476   7.814   -13.404 1.00 5.66 ? 9  G  A C2     1 
ATOM   218 N N2     . G  A 1 7  ? 7.961   7.397   -14.560 1.00 6.27 ? 9  G  A N2     1 
ATOM   219 N N3     . G  A 1 7  ? 8.242   7.129   -12.280 1.00 4.69 ? 9  G  A N3     1 
ATOM   220 C C4     . G  A 1 7  ? 8.842   7.691   -11.205 1.00 4.56 ? 9  G  A C4     1 
ATOM   221 H "H5'"  . G  A 1 7  ? 6.719   7.329   -5.817  1.00 2.51 ? 9  G  A "H5'"  1 
ATOM   222 H "H5''" . G  A 1 7  ? 6.305   8.189   -7.319  1.00 2.74 ? 9  G  A "H5''" 1 
ATOM   223 H "H4'"  . G  A 1 7  ? 6.010   5.230   -7.373  1.00 2.73 ? 9  G  A "H4'"  1 
ATOM   224 H "H3'"  . G  A 1 7  ? 8.555   6.508   -6.530  1.00 1.91 ? 9  G  A "H3'"  1 
ATOM   225 H "H2'"  . G  A 1 7  ? 9.854   5.781   -8.240  1.00 2.64 ? 9  G  A "H2'"  1 
ATOM   226 H "HO2'" . G  A 1 7  ? 9.785   3.769   -8.916  1.00 2.89 ? 9  G  A "HO2'" 1 
ATOM   227 H "H1'"  . G  A 1 7  ? 7.949   5.321   -10.248 1.00 3.73 ? 9  G  A "H1'"  1 
ATOM   228 H H8     . G  A 1 7  ? 9.688   8.009   -8.141  1.00 4.85 ? 9  G  A H8     1 
ATOM   229 H H1     . G  A 1 7  ? 9.371   9.420   -14.348 1.00 7.11 ? 9  G  A H1     1 
ATOM   230 H H21    . G  A 1 7  ? 8.139   7.916   -15.409 1.00 6.43 ? 9  G  A H21    1 
ATOM   231 H H22    . G  A 1 7  ? 7.394   6.562   -14.589 1.00 6.79 ? 9  G  A H22    1 
ATOM   232 P P      . C  A 1 8  ? 9.245   3.431   -6.189  1.00 2.26 ? 10 C  A P      1 
ATOM   233 O OP1    . C  A 1 8  ? 10.382  4.002   -6.945  1.00 2.83 ? 10 C  A OP1    1 
ATOM   234 O OP2    . C  A 1 8  ? 8.671   2.130   -6.599  1.00 2.97 ? 10 C  A OP2    1 
ATOM   235 O "O5'"  . C  A 1 8  ? 9.692   3.318   -4.644  1.00 1.87 ? 10 C  A "O5'"  1 
ATOM   236 C "C5'"  . C  A 1 8  ? 11.001  2.829   -4.314  1.00 1.72 ? 10 C  A "C5'"  1 
ATOM   237 C "C4'"  . C  A 1 8  ? 11.807  3.858   -3.530  1.00 1.54 ? 10 C  A "C4'"  1 
ATOM   238 O "O4'"  . C  A 1 8  ? 11.325  5.176   -3.809  1.00 1.41 ? 10 C  A "O4'"  1 
ATOM   239 C "C3'"  . C  A 1 8  ? 11.710  3.673   -2.022  1.00 1.45 ? 10 C  A "C3'"  1 
ATOM   240 O "O3'"  . C  A 1 8  ? 12.768  2.851   -1.512  1.00 1.59 ? 10 C  A "O3'"  1 
ATOM   241 C "C2'"  . C  A 1 8  ? 11.793  5.087   -1.483  1.00 1.33 ? 10 C  A "C2'"  1 
ATOM   242 O "O2'"  . C  A 1 8  ? 13.164  5.502   -1.272  1.00 1.39 ? 10 C  A "O2'"  1 
ATOM   243 C "C1'"  . C  A 1 8  ? 11.261  5.933   -2.587  1.00 1.29 ? 10 C  A "C1'"  1 
ATOM   244 N N1     . C  A 1 8  ? 9.923   6.514   -2.415  1.00 1.31 ? 10 C  A N1     1 
ATOM   245 C C2     . C  A 1 8  ? 9.781   7.527   -1.483  1.00 1.18 ? 10 C  A C2     1 
ATOM   246 O O2     . C  A 1 8  ? 10.699  7.773   -0.697  1.00 1.20 ? 10 C  A O2     1 
ATOM   247 N N3     . C  A 1 8  ? 8.616   8.241   -1.477  1.00 1.26 ? 10 C  A N3     1 
ATOM   248 C C4     . C  A 1 8  ? 7.634   7.967   -2.348  1.00 1.64 ? 10 C  A C4     1 
ATOM   249 N N4     . C  A 1 8  ? 6.509   8.688   -2.317  1.00 1.89 ? 10 C  A N4     1 
ATOM   250 C C5     . C  A 1 8  ? 7.779   6.911   -3.303  1.00 1.88 ? 10 C  A C5     1 
ATOM   251 C C6     . C  A 1 8  ? 8.930   6.218   -3.297  1.00 1.65 ? 10 C  A C6     1 
ATOM   252 H "H5'"  . C  A 1 8  ? 11.537  2.611   -5.246  1.00 1.96 ? 10 C  A "H5'"  1 
ATOM   253 H "H5''" . C  A 1 8  ? 10.910  1.916   -3.725  1.00 2.25 ? 10 C  A "H5''" 1 
ATOM   254 H "H4'"  . C  A 1 8  ? 12.851  3.798   -3.831  1.00 1.65 ? 10 C  A "H4'"  1 
ATOM   255 H "H3'"  . C  A 1 8  ? 10.739  3.240   -1.773  1.00 1.46 ? 10 C  A "H3'"  1 
ATOM   256 H "H2'"  . C  A 1 8  ? 11.202  5.204   -0.577  1.00 1.30 ? 10 C  A "H2'"  1 
ATOM   257 H "HO2'" . C  A 1 8  ? 13.725  4.883   -1.745  1.00 1.65 ? 10 C  A "HO2'" 1 
ATOM   258 H "H1'"  . C  A 1 8  ? 11.949  6.776   -2.687  1.00 1.27 ? 10 C  A "H1'"  1 
ATOM   259 H H41    . C  A 1 8  ? 6.403   9.447   -1.633  1.00 1.73 ? 10 C  A H41    1 
ATOM   260 H H42    . C  A 1 8  ? 5.764   8.487   -2.967  1.00 2.28 ? 10 C  A H42    1 
ATOM   261 H H5     . C  A 1 8  ? 6.983   6.634   -3.990  1.00 2.27 ? 10 C  A H5     1 
ATOM   262 H H6     . C  A 1 8  ? 9.074   5.409   -4.017  1.00 1.81 ? 10 C  A H6     1 
ATOM   263 P P      . C  A 1 9  ? 12.463  1.361   -0.967  1.00 1.64 ? 11 C  A P      1 
ATOM   264 O OP1    . C  A 1 9  ? 13.737  0.769   -0.503  1.00 1.94 ? 11 C  A OP1    1 
ATOM   265 O OP2    . C  A 1 9  ? 11.652  0.655   -1.985  1.00 2.30 ? 11 C  A OP2    1 
ATOM   266 O "O5'"  . C  A 1 9  ? 11.530  1.625   0.324   1.00 1.66 ? 11 C  A "O5'"  1 
ATOM   267 C "C5'"  . C  A 1 9  ? 12.086  1.602   1.645   1.00 1.55 ? 11 C  A "C5'"  1 
ATOM   268 C "C4'"  . C  A 1 9  ? 11.709  2.858   2.419   1.00 1.44 ? 11 C  A "C4'"  1 
ATOM   269 O "O4'"  . C  A 1 9  ? 11.160  3.838   1.540   1.00 1.33 ? 11 C  A "O4'"  1 
ATOM   270 C "C3'"  . C  A 1 9  ? 10.644  2.638   3.483   1.00 1.43 ? 11 C  A "C3'"  1 
ATOM   271 O "O3'"  . C  A 1 9  ? 11.207  2.190   4.726   1.00 1.54 ? 11 C  A "O3'"  1 
ATOM   272 C "C2'"  . C  A 1 9  ? 10.007  4.009   3.620   1.00 1.33 ? 11 C  A "C2'"  1 
ATOM   273 O "O2'"  . C  A 1 9  ? 10.661  4.800   4.635   1.00 1.36 ? 11 C  A "O2'"  1 
ATOM   274 C "C1'"  . C  A 1 9  ? 10.258  4.665   2.291   1.00 1.28 ? 11 C  A "C1'"  1 
ATOM   275 N N1     . C  A 1 9  ? 9.080   5.037   1.494   1.00 1.24 ? 11 C  A N1     1 
ATOM   276 C C2     . C  A 1 9  ? 8.208   5.973   2.026   1.00 1.15 ? 11 C  A C2     1 
ATOM   277 O O2     . C  A 1 9  ? 8.330   6.336   3.199   1.00 1.12 ? 11 C  A O2     1 
ATOM   278 N N3     . C  A 1 9  ? 7.234   6.478   1.215   1.00 1.11 ? 11 C  A N3     1 
ATOM   279 C C4     . C  A 1 9  ? 7.119   6.081   -0.058  1.00 1.17 ? 11 C  A C4     1 
ATOM   280 N N4     . C  A 1 9  ? 6.161   6.602   -0.826  1.00 1.14 ? 11 C  A N4     1 
ATOM   281 C C5     . C  A 1 9  ? 8.009   5.109   -0.604  1.00 1.26 ? 11 C  A C5     1 
ATOM   282 C C6     . C  A 1 9  ? 8.965   4.616   0.202   1.00 1.29 ? 11 C  A C6     1 
ATOM   283 H "H5'"  . C  A 1 9  ? 13.179  1.560   1.566   1.00 1.98 ? 11 C  A "H5'"  1 
ATOM   284 H "H5''" . C  A 1 9  ? 11.724  0.724   2.177   1.00 1.93 ? 11 C  A "H5''" 1 
ATOM   285 H "H4'"  . C  A 1 9  ? 12.600  3.273   2.885   1.00 1.51 ? 11 C  A "H4'"  1 
ATOM   286 H "H3'"  . C  A 1 9  ? 9.902   1.923   3.119   1.00 1.42 ? 11 C  A "H3'"  1 
ATOM   287 H "H2'"  . C  A 1 9  ? 8.937   3.924   3.816   1.00 1.31 ? 11 C  A "H2'"  1 
ATOM   288 H "HO2'" . C  A 1 9  ? 11.469  4.343   4.876   1.00 1.63 ? 11 C  A "HO2'" 1 
ATOM   289 H "H1'"  . C  A 1 9  ? 10.806  5.588   2.496   1.00 1.26 ? 11 C  A "H1'"  1 
ATOM   290 H H41    . C  A 1 9  ? 5.517   7.301   -0.440  1.00 1.09 ? 11 C  A H41    1 
ATOM   291 H H42    . C  A 1 9  ? 6.070   6.308   -1.787  1.00 1.19 ? 11 C  A H42    1 
ATOM   292 H H5     . C  A 1 9  ? 7.924   4.785   -1.641  1.00 1.30 ? 11 C  A H5     1 
ATOM   293 H H6     . C  A 1 9  ? 9.663   3.875   -0.183  1.00 1.37 ? 11 C  A H6     1 
ATOM   294 P P      . G  A 1 10 ? 10.430  1.080   5.603   1.00 1.65 ? 12 G  A P      1 
ATOM   295 O OP1    . G  A 1 10 ? 11.436  0.312   6.371   1.00 2.40 ? 12 G  A OP1    1 
ATOM   296 O OP2    . G  A 1 10 ? 9.481   0.371   4.716   1.00 1.85 ? 12 G  A OP2    1 
ATOM   297 O "O5'"  . G  A 1 10 ? 9.580   1.975   6.638   1.00 1.58 ? 12 G  A "O5'"  1 
ATOM   298 C "C5'"  . G  A 1 10 ? 8.154   1.830   6.713   1.00 1.39 ? 12 G  A "C5'"  1 
ATOM   299 C "C4'"  . G  A 1 10 ? 7.471   3.163   6.966   1.00 1.26 ? 12 G  A "C4'"  1 
ATOM   300 O "O4'"  . G  A 1 10 ? 7.200   3.820   5.732   1.00 1.12 ? 12 G  A "O4'"  1 
ATOM   301 C "C3'"  . G  A 1 10 ? 6.125   3.058   7.667   1.00 1.26 ? 12 G  A "C3'"  1 
ATOM   302 O "O3'"  . G  A 1 10 ? 6.271   3.032   9.093   1.00 1.40 ? 12 G  A "O3'"  1 
ATOM   303 C "C2'"  . G  A 1 10 ? 5.403   4.314   7.212   1.00 1.11 ? 12 G  A "C2'"  1 
ATOM   304 O "O2'"  . G  A 1 10 ? 5.672   5.416   8.107   1.00 1.16 ? 12 G  A "O2'"  1 
ATOM   305 C "C1'"  . G  A 1 10 ? 6.044   4.655   5.901   1.00 1.03 ? 12 G  A "C1'"  1 
ATOM   306 N N9     . G  A 1 10 ? 5.234   4.653   4.682   1.00 0.93 ? 12 G  A N9     1 
ATOM   307 C C8     . G  A 1 10 ? 5.390   3.898   3.562   1.00 0.92 ? 12 G  A C8     1 
ATOM   308 N N7     . G  A 1 10 ? 4.784   4.281   2.494   1.00 0.86 ? 12 G  A N7     1 
ATOM   309 C C5     . G  A 1 10 ? 4.134   5.428   2.922   1.00 0.80 ? 12 G  A C5     1 
ATOM   310 C C6     . G  A 1 10 ? 3.301   6.308   2.195   1.00 0.73 ? 12 G  A C6     1 
ATOM   311 O O6     . G  A 1 10 ? 2.986   6.240   1.001   1.00 0.71 ? 12 G  A O6     1 
ATOM   312 N N1     . G  A 1 10 ? 2.837   7.349   2.998   1.00 0.72 ? 12 G  A N1     1 
ATOM   313 C C2     . G  A 1 10 ? 3.145   7.519   4.340   1.00 0.77 ? 12 G  A C2     1 
ATOM   314 N N2     . G  A 1 10 ? 2.601   8.579   4.952   1.00 0.79 ? 12 G  A N2     1 
ATOM   315 N N3     . G  A 1 10 ? 3.938   6.689   5.026   1.00 0.85 ? 12 G  A N3     1 
ATOM   316 C C4     . G  A 1 10 ? 4.394   5.669   4.263   1.00 0.85 ? 12 G  A C4     1 
ATOM   317 H "H5'"  . G  A 1 10 ? 7.886   1.166   7.523   1.00 1.70 ? 12 G  A "H5'"  1 
ATOM   318 H "H5''" . G  A 1 10 ? 7.820   1.418   5.752   1.00 1.73 ? 12 G  A "H5''" 1 
ATOM   319 H "H4'"  . G  A 1 10 ? 8.132   3.795   7.554   1.00 1.29 ? 12 G  A "H4'"  1 
ATOM   320 H "H3'"  . G  A 1 10 ? 5.589   2.172   7.316   1.00 1.27 ? 12 G  A "H3'"  1 
ATOM   321 H "H2'"  . G  A 1 10 ? 4.334   4.143   7.099   1.00 1.07 ? 12 G  A "H2'"  1 
ATOM   322 H "HO2'" . G  A 1 10 ? 5.192   6.176   7.770   1.00 1.55 ? 12 G  A "HO2'" 1 
ATOM   323 H "H1'"  . G  A 1 10 ? 6.431   5.671   6.014   1.00 1.03 ? 12 G  A "H1'"  1 
ATOM   324 H H8     . G  A 1 10 ? 6.084   3.061   3.529   1.00 0.97 ? 12 G  A H8     1 
ATOM   325 H H1     . G  A 1 10 ? 2.192   8.028   2.542   1.00 0.69 ? 12 G  A H1     1 
ATOM   326 H H21    . G  A 1 10 ? 1.977   9.208   4.435   1.00 0.75 ? 12 G  A H21    1 
ATOM   327 H H22    . G  A 1 10 ? 2.793   8.750   5.928   1.00 0.85 ? 12 G  A H22    1 
ATOM   328 P P      . A  A 1 11 ? 5.123   2.384   10.021  1.00 1.61 ? 13 A  A P      1 
ATOM   329 O OP1    . A  A 1 11 ? 5.773   1.500   11.013  1.00 2.13 ? 13 A  A OP1    1 
ATOM   330 O OP2    . A  A 1 11 ? 4.065   1.848   9.137   1.00 2.25 ? 13 A  A OP2    1 
ATOM   331 O "O5'"  . A  A 1 11 ? 4.527   3.664   10.800  1.00 1.63 ? 13 A  A "O5'"  1 
ATOM   332 C "C5'"  . A  A 1 11 ? 3.474   4.441   10.221  1.00 1.82 ? 13 A  A "C5'"  1 
ATOM   333 C "C4'"  . A  A 1 11 ? 2.522   4.994   11.282  1.00 2.09 ? 13 A  A "C4'"  1 
ATOM   334 O "O4'"  . A  A 1 11 ? 3.256   5.552   12.391  1.00 2.90 ? 13 A  A "O4'"  1 
ATOM   335 C "C3'"  . A  A 1 11 ? 1.651   6.093   10.691  1.00 2.25 ? 13 A  A "C3'"  1 
ATOM   336 O "O3'"  . A  A 1 11 ? 0.263   5.819   10.922  1.00 2.02 ? 13 A  A "O3'"  1 
ATOM   337 C "C2'"  . A  A 1 11 ? 2.066   7.372   11.372  1.00 3.40 ? 13 A  A "C2'"  1 
ATOM   338 O "O2'"  . A  A 1 11 ? 0.930   8.066   11.894  1.00 3.91 ? 13 A  A "O2'"  1 
ATOM   339 C "C1'"  . A  A 1 11 ? 3.014   6.972   12.492  1.00 3.73 ? 13 A  A "C1'"  1 
ATOM   340 N N9     . A  A 1 11 ? 4.277   7.728   12.405  1.00 4.50 ? 13 A  A N9     1 
ATOM   341 C C8     . A  A 1 11 ? 5.425   7.422   11.754  1.00 5.17 ? 13 A  A C8     1 
ATOM   342 N N7     . A  A 1 11 ? 6.401   8.263   11.839  1.00 5.95 ? 13 A  A N7     1 
ATOM   343 C C5     . A  A 1 11 ? 5.845   9.260   12.647  1.00 5.84 ? 13 A  A C5     1 
ATOM   344 C C6     . A  A 1 11 ? 6.345   10.469  13.141  1.00 6.61 ? 13 A  A C6     1 
ATOM   345 N N6     . A  A 1 11 ? 7.579   10.906  12.887  1.00 7.49 ? 13 A  A N6     1 
ATOM   346 N N1     . A  A 1 11 ? 5.527   11.210  13.908  1.00 6.63 ? 13 A  A N1     1 
ATOM   347 C C2     . A  A 1 11 ? 4.289   10.792  14.176  1.00 5.97 ? 13 A  A C2     1 
ATOM   348 N N3     . A  A 1 11 ? 3.713   9.666   13.762  1.00 5.12 ? 13 A  A N3     1 
ATOM   349 C C4     . A  A 1 11 ? 4.552   8.941   12.995  1.00 5.05 ? 13 A  A C4     1 
ATOM   350 H "H5'"  . A  A 1 11 ? 2.910   3.813   9.532   1.00 2.12 ? 13 A  A "H5'"  1 
ATOM   351 H "H5''" . A  A 1 11 ? 3.909   5.273   9.669   1.00 2.42 ? 13 A  A "H5''" 1 
ATOM   352 H "H4'"  . A  A 1 11 ? 1.884   4.188   11.645  1.00 2.24 ? 13 A  A "H4'"  1 
ATOM   353 H "H3'"  . A  A 1 11 ? 1.840   6.173   9.619   1.00 2.30 ? 13 A  A "H3'"  1 
ATOM   354 H "H2'"  . A  A 1 11 ? 2.595   8.008   10.659  1.00 3.89 ? 13 A  A "H2'"  1 
ATOM   355 H "HO2'" . A  A 1 11 ? 0.438   7.443   12.433  1.00 4.11 ? 13 A  A "HO2'" 1 
ATOM   356 H "H1'"  . A  A 1 11 ? 2.528   7.195   13.441  1.00 4.29 ? 13 A  A "H1'"  1 
ATOM   357 H H8     . A  A 1 11 ? 5.521   6.500   11.180  1.00 5.24 ? 13 A  A H8     1 
ATOM   358 H H61    . A  A 1 11 ? 7.892   11.787  13.269  1.00 7.90 ? 13 A  A H61    1 
ATOM   359 H H62    . A  A 1 11 ? 8.201   10.355  12.312  1.00 7.87 ? 13 A  A H62    1 
ATOM   360 H H2     . A  A 1 11 ? 3.682   11.443  14.805  1.00 6.32 ? 13 A  A H2     1 
ATOM   361 P P      . C  A 1 12 ? -0.868  6.914   10.569  1.00 2.01 ? 14 C  A P      1 
ATOM   362 O OP1    . C  A 1 12 ? -0.196  8.128   10.052  1.00 2.64 ? 14 C  A OP1    1 
ATOM   363 O OP2    . C  A 1 12 ? -1.793  7.014   11.720  1.00 2.81 ? 14 C  A OP2    1 
ATOM   364 O "O5'"  . C  A 1 12 ? -1.655  6.221   9.349   1.00 1.48 ? 14 C  A "O5'"  1 
ATOM   365 C "C5'"  . C  A 1 12 ? -0.930  5.762   8.209   1.00 1.26 ? 14 C  A "C5'"  1 
ATOM   366 C "C4'"  . C  A 1 12 ? -1.508  6.302   6.907   1.00 1.14 ? 14 C  A "C4'"  1 
ATOM   367 O "O4'"  . C  A 1 12 ? -0.461  6.440   5.932   1.00 1.10 ? 14 C  A "O4'"  1 
ATOM   368 C "C3'"  . C  A 1 12 ? -2.569  5.392   6.283   1.00 1.06 ? 14 C  A "C3'"  1 
ATOM   369 O "O3'"  . C  A 1 12 ? -3.899  5.907   6.434   1.00 1.13 ? 14 C  A "O3'"  1 
ATOM   370 C "C2'"  . C  A 1 12 ? -2.168  5.311   4.828   1.00 0.95 ? 14 C  A "C2'"  1 
ATOM   371 O "O2'"  . C  A 1 12 ? -2.730  6.408   4.070   1.00 0.99 ? 14 C  A "O2'"  1 
ATOM   372 C "C1'"  . C  A 1 12 ? -0.713  5.542   4.833   1.00 1.00 ? 14 C  A "C1'"  1 
ATOM   373 N N1     . C  A 1 12 ? 0.166   4.358   4.930   1.00 1.01 ? 14 C  A N1     1 
ATOM   374 C C2     . C  A 1 12 ? 0.352   3.564   3.795   1.00 0.94 ? 14 C  A C2     1 
ATOM   375 O O2     . C  A 1 12 ? -0.338  3.713   2.790   1.00 0.87 ? 14 C  A O2     1 
ATOM   376 N N3     . C  A 1 12 ? 1.331   2.631   3.826   1.00 0.98 ? 14 C  A N3     1 
ATOM   377 C C4     . C  A 1 12 ? 2.093   2.465   4.893   1.00 1.10 ? 14 C  A C4     1 
ATOM   378 N N4     . C  A 1 12 ? 3.039   1.551   4.856   1.00 1.17 ? 14 C  A N4     1 
ATOM   379 C C5     . C  A 1 12 ? 1.912   3.255   6.063   1.00 1.17 ? 14 C  A C5     1 
ATOM   380 C C6     . C  A 1 12 ? 0.942   4.182   6.040   1.00 1.12 ? 14 C  A C6     1 
ATOM   381 H "H5'"  . C  A 1 12 ? -0.944  4.672   8.188   1.00 1.74 ? 14 C  A "H5'"  1 
ATOM   382 H "H5''" . C  A 1 12 ? 0.110   6.112   8.290   1.00 1.42 ? 14 C  A "H5''" 1 
ATOM   383 H "H4'"  . C  A 1 12 ? -1.943  7.283   7.090   1.00 1.19 ? 14 C  A "H4'"  1 
ATOM   384 H "H3'"  . C  A 1 12 ? -2.500  4.397   6.730   1.00 1.11 ? 14 C  A "H3'"  1 
ATOM   385 H "H2'"  . C  A 1 12 ? -2.416  4.356   4.386   1.00 0.91 ? 14 C  A "H2'"  1 
ATOM   386 H "HO2'" . C  A 1 12 ? -2.674  6.169   3.129   1.00 0.92 ? 14 C  A "HO2'" 1 
ATOM   387 H "H1'"  . C  A 1 12 ? -0.467  6.069   3.906   1.00 1.01 ? 14 C  A "H1'"  1 
ATOM   388 H H41    . C  A 1 12 ? 3.170   0.984   4.015   1.00 1.13 ? 14 C  A H41    1 
ATOM   389 H H42    . C  A 1 12 ? 3.624   1.412   5.637   1.00 1.27 ? 14 C  A H42    1 
ATOM   390 H H5     . C  A 1 12 ? 2.543   3.119   6.939   1.00 1.28 ? 14 C  A H5     1 
ATOM   391 H H6     . C  A 1 12 ? 0.784   4.807   6.911   1.00 1.19 ? 14 C  A H6     1 
ATOM   392 P P      . C  A 1 13 ? -5.112  4.913   6.835   1.00 1.46 ? 15 C  A P      1 
ATOM   393 O OP1    . C  A 1 13 ? -6.245  5.738   7.310   1.00 2.39 ? 15 C  A OP1    1 
ATOM   394 O OP2    . C  A 1 13 ? -4.566  3.845   7.701   1.00 2.19 ? 15 C  A OP2    1 
ATOM   395 O "O5'"  . C  A 1 13 ? -5.528  4.253   5.421   1.00 1.25 ? 15 C  A "O5'"  1 
ATOM   396 C "C5'"  . C  A 1 13 ? -5.531  5.054   4.241   1.00 1.23 ? 15 C  A "C5'"  1 
ATOM   397 C "C4'"  . C  A 1 13 ? -5.368  4.241   2.954   1.00 1.03 ? 15 C  A "C4'"  1 
ATOM   398 O "O4'"  . C  A 1 13 ? -4.027  3.768   2.799   1.00 1.00 ? 15 C  A "O4'"  1 
ATOM   399 C "C3'"  . C  A 1 13 ? -6.229  2.993   2.856   1.00 0.93 ? 15 C  A "C3'"  1 
ATOM   400 O "O3'"  . C  A 1 13 ? -7.575  3.267   2.451   1.00 0.97 ? 15 C  A "O3'"  1 
ATOM   401 C "C2'"  . C  A 1 13 ? -5.487  2.196   1.811   1.00 0.87 ? 15 C  A "C2'"  1 
ATOM   402 O "O2'"  . C  A 1 13 ? -5.785  2.716   0.491   1.00 0.87 ? 15 C  A "O2'"  1 
ATOM   403 C "C1'"  . C  A 1 13 ? -4.055  2.518   2.066   1.00 0.91 ? 15 C  A "C1'"  1 
ATOM   404 N N1     . C  A 1 13 ? -3.204  1.537   2.754   1.00 0.93 ? 15 C  A N1     1 
ATOM   405 C C2     . C  A 1 13 ? -2.626  0.515   2.003   1.00 0.89 ? 15 C  A C2     1 
ATOM   406 O O2     . C  A 1 13 ? -3.003  0.279   0.855   1.00 0.85 ? 15 C  A O2     1 
ATOM   407 N N3     . C  A 1 13 ? -1.623  -0.204  2.570   1.00 0.94 ? 15 C  A N3     1 
ATOM   408 C C4     . C  A 1 13 ? -1.202  0.048   3.804   1.00 1.01 ? 15 C  A C4     1 
ATOM   409 N N4     . C  A 1 13 ? -0.214  -0.674  4.302   1.00 1.07 ? 15 C  A N4     1 
ATOM   410 C C5     . C  A 1 13 ? -1.794  1.079   4.587   1.00 1.05 ? 15 C  A C5     1 
ATOM   411 C C6     . C  A 1 13 ? -2.787  1.790   4.030   1.00 1.00 ? 15 C  A C6     1 
ATOM   412 H "H5'"  . C  A 1 13 ? -4.702  5.759   4.306   1.00 1.88 ? 15 C  A "H5'"  1 
ATOM   413 H "H5''" . C  A 1 13 ? -6.458  5.621   4.188   1.00 1.34 ? 15 C  A "H5''" 1 
ATOM   414 H "H4'"  . C  A 1 13 ? -5.595  4.886   2.108   1.00 1.06 ? 15 C  A "H4'"  1 
ATOM   415 H "H3'"  . C  A 1 13 ? -6.212  2.457   3.810   1.00 0.96 ? 15 C  A "H3'"  1 
ATOM   416 H "H2'"  . C  A 1 13 ? -5.683  1.134   1.879   1.00 0.86 ? 15 C  A "H2'"  1 
ATOM   417 H "HO2'" . C  A 1 13 ? -5.361  2.137   -0.168  1.00 0.84 ? 15 C  A "HO2'" 1 
ATOM   418 H "H1'"  . C  A 1 13 ? -3.606  2.730   1.093   1.00 0.93 ? 15 C  A "H1'"  1 
ATOM   419 H H41    . C  A 1 13 ? 0.213   -1.416  3.741   1.00 1.06 ? 15 C  A H41    1 
ATOM   420 H H42    . C  A 1 13 ? 0.117   -0.498  5.225   1.00 1.14 ? 15 C  A H42    1 
ATOM   421 H H5     . C  A 1 13 ? -1.450  1.289   5.600   1.00 1.11 ? 15 C  A H5     1 
ATOM   422 H H6     . C  A 1 13 ? -3.257  2.586   4.600   1.00 1.04 ? 15 C  A H6     1 
ATOM   423 P P      . A  A 1 14 ? -8.773  2.293   2.929   1.00 0.95 ? 16 A  A P      1 
ATOM   424 O OP1    . A  A 1 14 ? -10.045 2.831   2.397   1.00 1.53 ? 16 A  A OP1    1 
ATOM   425 O OP2    . A  A 1 14 ? -8.624  2.058   4.383   1.00 1.70 ? 16 A  A OP2    1 
ATOM   426 O "O5'"  . A  A 1 14 ? -8.453  0.906   2.161   1.00 0.87 ? 16 A  A "O5'"  1 
ATOM   427 C "C5'"  . A  A 1 14 ? -8.818  0.752   0.788   1.00 0.92 ? 16 A  A "C5'"  1 
ATOM   428 C "C4'"  . A  A 1 14 ? -8.265  -0.533  0.161   1.00 0.81 ? 16 A  A "C4'"  1 
ATOM   429 O "O4'"  . A  A 1 14 ? -6.842  -0.643  0.329   1.00 0.72 ? 16 A  A "O4'"  1 
ATOM   430 C "C3'"  . A  A 1 14 ? -8.836  -1.816  0.747   1.00 0.80 ? 16 A  A "C3'"  1 
ATOM   431 O "O3'"  . A  A 1 14 ? -10.094 -2.177  0.170   1.00 0.87 ? 16 A  A "O3'"  1 
ATOM   432 C "C2'"  . A  A 1 14 ? -7.761  -2.813  0.401   1.00 0.73 ? 16 A  A "C2'"  1 
ATOM   433 O "O2'"  . A  A 1 14 ? -7.854  -3.149  -1.011  1.00 0.78 ? 16 A  A "O2'"  1 
ATOM   434 C "C1'"  . A  A 1 14 ? -6.504  -2.035  0.555   1.00 0.68 ? 16 A  A "C1'"  1 
ATOM   435 N N9     . A  A 1 14 ? -5.727  -2.143  1.794   1.00 0.66 ? 16 A  A N9     1 
ATOM   436 C C8     . A  A 1 14 ? -5.596  -1.248  2.809   1.00 0.70 ? 16 A  A C8     1 
ATOM   437 N N7     . A  A 1 14 ? -4.591  -1.389  3.610   1.00 0.73 ? 16 A  A N7     1 
ATOM   438 C C5     . A  A 1 14 ? -3.968  -2.521  3.080   1.00 0.69 ? 16 A  A C5     1 
ATOM   439 C C6     . A  A 1 14 ? -2.821  -3.237  3.448   1.00 0.74 ? 16 A  A C6     1 
ATOM   440 N N6     . A  A 1 14 ? -2.055  -2.905  4.483   1.00 0.86 ? 16 A  A N6     1 
ATOM   441 N N1     . A  A 1 14 ? -2.491  -4.308  2.702   1.00 0.72 ? 16 A  A N1     1 
ATOM   442 C C2     . A  A 1 14 ? -3.244  -4.655  1.658   1.00 0.66 ? 16 A  A C2     1 
ATOM   443 N N3     . A  A 1 14 ? -4.342  -4.048  1.227   1.00 0.64 ? 16 A  A N3     1 
ATOM   444 C C4     . A  A 1 14 ? -4.653  -2.985  1.985   1.00 0.65 ? 16 A  A C4     1 
ATOM   445 H "H5'"  . A  A 1 14 ? -8.424  1.601   0.230   1.00 1.69 ? 16 A  A "H5'"  1 
ATOM   446 H "H5''" . A  A 1 14 ? -9.900  0.755   0.699   1.00 1.02 ? 16 A  A "H5''" 1 
ATOM   447 H "H4'"  . A  A 1 14 ? -8.477  -0.517  -0.908  1.00 0.89 ? 16 A  A "H4'"  1 
ATOM   448 H "H3'"  . A  A 1 14 ? -8.919  -1.723  1.834   1.00 0.83 ? 16 A  A "H3'"  1 
ATOM   449 H "H2'"  . A  A 1 14 ? -7.783  -3.696  1.034   1.00 0.72 ? 16 A  A "H2'"  1 
ATOM   450 H "HO2'" . A  A 1 14 ? -7.210  -3.867  -1.216  1.00 0.75 ? 16 A  A "HO2'" 1 
ATOM   451 H "H1'"  . A  A 1 14 ? -5.840  -2.350  -0.254  1.00 0.68 ? 16 A  A "H1'"  1 
ATOM   452 H H8     . A  A 1 14 ? -6.303  -0.431  2.933   1.00 0.73 ? 16 A  A H8     1 
ATOM   453 H H61    . A  A 1 14 ? -1.219  -3.475  4.713   1.00 0.90 ? 16 A  A H61    1 
ATOM   454 H H62    . A  A 1 14 ? -2.289  -2.100  5.049   1.00 1.16 ? 16 A  A H62    1 
ATOM   455 H H2     . A  A 1 14 ? -2.949  -5.549  1.109   1.00 0.66 ? 16 A  A H2     1 
ATOM   456 P P      . C  A 1 15 ? -11.133 -3.086  1.006   1.00 0.92 ? 17 C  A P      1 
ATOM   457 O OP1    . C  A 1 15 ? -12.213 -3.514  0.090   1.00 1.73 ? 17 C  A OP1    1 
ATOM   458 O OP2    . C  A 1 15 ? -11.470 -2.371  2.257   1.00 1.36 ? 17 C  A OP2    1 
ATOM   459 O "O5'"  . C  A 1 15 ? -10.255 -4.387  1.392   1.00 1.01 ? 17 C  A "O5'"  1 
ATOM   460 C "C5'"  . C  A 1 15 ? -10.506 -5.638  0.745   1.00 0.99 ? 17 C  A "C5'"  1 
ATOM   461 C "C4'"  . C  A 1 15 ? -9.228  -6.447  0.543   1.00 0.86 ? 17 C  A "C4'"  1 
ATOM   462 O "O4'"  . C  A 1 15 ? -8.058  -5.708  0.914   1.00 0.85 ? 17 C  A "O4'"  1 
ATOM   463 C "C3'"  . C  A 1 15 ? -9.152  -7.716  1.371   1.00 0.83 ? 17 C  A "C3'"  1 
ATOM   464 O "O3'"  . C  A 1 15 ? -9.938  -8.797  0.844   1.00 0.79 ? 17 C  A "O3'"  1 
ATOM   465 C "C2'"  . C  A 1 15 ? -7.670  -8.014  1.341   1.00 0.82 ? 17 C  A "C2'"  1 
ATOM   466 O "O2'"  . C  A 1 15 ? -7.321  -8.648  0.086   1.00 0.82 ? 17 C  A "O2'"  1 
ATOM   467 C "C1'"  . C  A 1 15 ? -7.042  -6.649  1.337   1.00 0.82 ? 17 C  A "C1'"  1 
ATOM   468 N N1     . C  A 1 15 ? -6.404  -6.188  2.582   1.00 0.85 ? 17 C  A N1     1 
ATOM   469 C C2     . C  A 1 15 ? -5.229  -6.811  2.980   1.00 0.86 ? 17 C  A C2     1 
ATOM   470 O O2     . C  A 1 15 ? -4.847  -7.838  2.412   1.00 0.84 ? 17 C  A O2     1 
ATOM   471 N N3     . C  A 1 15 ? -4.512  -6.243  3.995   1.00 0.94 ? 17 C  A N3     1 
ATOM   472 C C4     . C  A 1 15 ? -4.933  -5.119  4.593   1.00 0.99 ? 17 C  A C4     1 
ATOM   473 N N4     . C  A 1 15 ? -4.206  -4.590  5.579   1.00 1.11 ? 17 C  A N4     1 
ATOM   474 C C5     . C  A 1 15 ? -6.150  -4.484  4.191   1.00 0.97 ? 17 C  A C5     1 
ATOM   475 C C6     . C  A 1 15 ? -6.848  -5.052  3.191   1.00 0.91 ? 17 C  A C6     1 
ATOM   476 H "H5'"  . C  A 1 15 ? -10.938 -5.431  -0.241  1.00 1.66 ? 17 C  A "H5'"  1 
ATOM   477 H "H5''" . C  A 1 15 ? -11.214 -6.218  1.338   1.00 1.14 ? 17 C  A "H5''" 1 
ATOM   478 H "H4'"  . C  A 1 15 ? -9.144  -6.710  -0.509  1.00 0.83 ? 17 C  A "H4'"  1 
ATOM   479 H "H3'"  . C  A 1 15 ? -9.454  -7.494  2.399   1.00 0.88 ? 17 C  A "H3'"  1 
ATOM   480 H "H2'"  . C  A 1 15 ? -7.356  -8.604  2.200   1.00 0.86 ? 17 C  A "H2'"  1 
ATOM   481 H "HO2'" . C  A 1 15 ? -6.395  -8.993  0.148   1.00 0.79 ? 17 C  A "HO2'" 1 
ATOM   482 H "H1'"  . C  A 1 15 ? -6.266  -6.640  0.565   1.00 0.80 ? 17 C  A "H1'"  1 
ATOM   483 H H41    . C  A 1 15 ? -3.336  -5.043  5.877   1.00 1.17 ? 17 C  A H41    1 
ATOM   484 H H42    . C  A 1 15 ? -4.517  -3.745  6.037   1.00 1.17 ? 17 C  A H42    1 
ATOM   485 H H5     . C  A 1 15 ? -6.499  -3.571  4.674   1.00 1.03 ? 17 C  A H5     1 
ATOM   486 H H6     . C  A 1 15 ? -7.770  -4.592  2.838   1.00 0.94 ? 17 C  A H6     1 
ATOM   487 P P      . U  A 1 16 ? -10.463 -9.943  1.857   1.00 0.86 ? 18 U  A P      1 
ATOM   488 O OP1    . U  A 1 16 ? -11.723 -10.499 1.317   1.00 1.45 ? 18 U  A OP1    1 
ATOM   489 O OP2    . U  A 1 16 ? -10.426 -9.398  3.232   1.00 1.78 ? 18 U  A OP2    1 
ATOM   490 O "O5'"  . U  A 1 16 ? -9.318  -11.065 1.727   1.00 0.92 ? 18 U  A "O5'"  1 
ATOM   491 C "C5'"  . U  A 1 16 ? -9.140  -12.090 2.717   1.00 0.94 ? 18 U  A "C5'"  1 
ATOM   492 C "C4'"  . U  A 1 16 ? -7.667  -12.138 3.106   1.00 0.89 ? 18 U  A "C4'"  1 
ATOM   493 O "O4'"  . U  A 1 16 ? -7.185  -10.838 3.434   1.00 0.90 ? 18 U  A "O4'"  1 
ATOM   494 C "C3'"  . U  A 1 16 ? -7.336  -13.017 4.292   1.00 0.91 ? 18 U  A "C3'"  1 
ATOM   495 O "O3'"  . U  A 1 16 ? -6.461  -14.060 3.870   1.00 0.95 ? 18 U  A "O3'"  1 
ATOM   496 C "C2'"  . U  A 1 16 ? -6.601  -12.117 5.277   1.00 0.95 ? 18 U  A "C2'"  1 
ATOM   497 O "O2'"  . U  A 1 16 ? -5.324  -12.702 5.621   1.00 1.15 ? 18 U  A "O2'"  1 
ATOM   498 C "C1'"  . U  A 1 16 ? -6.245  -10.963 4.519   1.00 0.90 ? 18 U  A "C1'"  1 
ATOM   499 N N1     . U  A 1 16 ? -6.158  -9.727  5.273   1.00 0.94 ? 18 U  A N1     1 
ATOM   500 C C2     . U  A 1 16 ? -5.065  -9.554  6.106   1.00 0.99 ? 18 U  A C2     1 
ATOM   501 O O2     . U  A 1 16 ? -4.336  -10.483 6.432   1.00 1.09 ? 18 U  A O2     1 
ATOM   502 N N3     . U  A 1 16 ? -4.850  -8.274  6.563   1.00 1.08 ? 18 U  A N3     1 
ATOM   503 C C4     . U  A 1 16 ? -5.624  -7.172  6.270   1.00 1.22 ? 18 U  A C4     1 
ATOM   504 O O4     . U  A 1 16 ? -5.338  -6.071  6.719   1.00 1.38 ? 18 U  A O4     1 
ATOM   505 C C5     . U  A 1 16 ? -6.757  -7.461  5.413   1.00 1.24 ? 18 U  A C5     1 
ATOM   506 C C6     . U  A 1 16 ? -6.979  -8.719  4.964   1.00 1.06 ? 18 U  A C6     1 
ATOM   507 H "H5'"  . U  A 1 16 ? -9.443  -13.054 2.306   1.00 1.36 ? 18 U  A "H5'"  1 
ATOM   508 H "H5''" . U  A 1 16 ? -9.744  -11.860 3.595   1.00 1.40 ? 18 U  A "H5''" 1 
ATOM   509 H "H4'"  . U  A 1 16 ? -7.073  -12.519 2.275   1.00 0.90 ? 18 U  A "H4'"  1 
ATOM   510 H "H3'"  . U  A 1 16 ? -8.232  -13.474 4.718   1.00 0.96 ? 18 U  A "H3'"  1 
ATOM   511 H "H2'"  . U  A 1 16 ? -7.202  -11.795 6.117   1.00 1.09 ? 18 U  A "H2'"  1 
ATOM   512 H "HO2'" . U  A 1 16 ? -4.732  -11.981 5.847   1.00 1.53 ? 18 U  A "HO2'" 1 
ATOM   513 H "H1'"  . U  A 1 16 ? -5.254  -11.212 4.088   1.00 0.92 ? 18 U  A "H1'"  1 
ATOM   514 H H3     . U  A 1 16 ? -4.058  -8.129  7.151   1.00 1.12 ? 18 U  A H3     1 
ATOM   515 H H5     . U  A 1 16 ? -7.460  -6.670  5.160   1.00 1.41 ? 18 U  A H5     1 
ATOM   516 H H6     . U  A 1 16 ? -7.875  -8.946  4.399   1.00 1.10 ? 18 U  A H6     1 
ATOM   517 P P      . U  A 1 17 ? -6.941  -15.590 3.954   1.00 1.46 ? 19 U  A P      1 
ATOM   518 O OP1    . U  A 1 17 ? -8.219  -15.718 3.219   1.00 2.42 ? 19 U  A OP1    1 
ATOM   519 O OP2    . U  A 1 17 ? -6.852  -16.029 5.364   1.00 2.20 ? 19 U  A OP2    1 
ATOM   520 O "O5'"  . U  A 1 17 ? -5.801  -16.348 3.118   1.00 1.31 ? 19 U  A "O5'"  1 
ATOM   521 C "C5'"  . U  A 1 17 ? -5.645  -16.115 1.717   1.00 1.14 ? 19 U  A "C5'"  1 
ATOM   522 C "C4'"  . U  A 1 17 ? -4.152  -16.249 1.311   1.00 1.15 ? 19 U  A "C4'"  1 
ATOM   523 O "O4'"  . U  A 1 17 ? -3.358  -15.186 1.906   1.00 1.20 ? 19 U  A "O4'"  1 
ATOM   524 C "C3'"  . U  A 1 17 ? -3.568  -17.571 1.818   1.00 1.27 ? 19 U  A "C3'"  1 
ATOM   525 O "O3'"  . U  A 1 17 ? -2.879  -18.251 0.762   1.00 1.41 ? 19 U  A "O3'"  1 
ATOM   526 C "C2'"  . U  A 1 17 ? -2.592  -17.188 2.899   1.00 1.33 ? 19 U  A "C2'"  1 
ATOM   527 O "O2'"  . U  A 1 17 ? -1.451  -18.054 2.898   1.00 1.68 ? 19 U  A "O2'"  1 
ATOM   528 C "C1'"  . U  A 1 17 ? -2.206  -15.773 2.549   1.00 1.26 ? 19 U  A "C1'"  1 
ATOM   529 N N1     . U  A 1 17 ? -1.740  -14.997 3.725   1.00 1.33 ? 19 U  A N1     1 
ATOM   530 C C2     . U  A 1 17 ? -0.381  -14.743 3.792   1.00 1.63 ? 19 U  A C2     1 
ATOM   531 O O2     . U  A 1 17 ? 0.403   -15.163 2.945   1.00 1.80 ? 19 U  A O2     1 
ATOM   532 N N3     . U  A 1 17 ? 0.048   -13.988 4.868   1.00 1.82 ? 19 U  A N3     1 
ATOM   533 C C4     . U  A 1 17 ? -0.748  -13.475 5.875   1.00 1.70 ? 19 U  A C4     1 
ATOM   534 O O4     . U  A 1 17 ? -0.255  -12.820 6.791   1.00 1.94 ? 19 U  A O4     1 
ATOM   535 C C5     . U  A 1 17 ? -2.150  -13.786 5.730   1.00 1.39 ? 19 U  A C5     1 
ATOM   536 C C6     . U  A 1 17 ? -2.599  -14.523 4.686   1.00 1.24 ? 19 U  A C6     1 
ATOM   537 H "H5'"  . U  A 1 17 ? -6.007  -15.110 1.472   1.00 1.50 ? 19 U  A "H5'"  1 
ATOM   538 H "H5''" . U  A 1 17 ? -6.263  -16.843 1.178   1.00 1.46 ? 19 U  A "H5''" 1 
ATOM   539 H "H4'"  . U  A 1 17 ? -4.043  -16.192 0.216   1.00 1.28 ? 19 U  A "H4'"  1 
ATOM   540 H "H3'"  . U  A 1 17 ? -4.346  -18.222 2.221   1.00 1.30 ? 19 U  A "H3'"  1 
ATOM   541 H "H2'"  . U  A 1 17 ? -3.087  -17.212 3.872   1.00 1.39 ? 19 U  A "H2'"  1 
ATOM   542 H "HO2'" . U  A 1 17 ? -1.764  -18.941 3.088   1.00 1.96 ? 19 U  A "HO2'" 1 
ATOM   543 H "H1'"  . U  A 1 17 ? -1.393  -15.837 1.825   1.00 1.47 ? 19 U  A "H1'"  1 
ATOM   544 H H3     . U  A 1 17 ? 1.035   -13.779 4.915   1.00 2.11 ? 19 U  A H3     1 
ATOM   545 H H5     . U  A 1 17 ? -2.865  -13.406 6.461   1.00 1.35 ? 19 U  A H5     1 
ATOM   546 H H6     . U  A 1 17 ? -3.661  -14.721 4.616   1.00 1.17 ? 19 U  A H6     1 
ATOM   547 P P      . A  A 1 18 ? -3.583  -18.472 -0.668  1.00 1.67 ? 20 A  A P      1 
ATOM   548 O OP1    . A  A 1 18 ? -5.035  -18.234 -0.512  1.00 2.31 ? 20 A  A OP1    1 
ATOM   549 O OP2    . A  A 1 18 ? -3.100  -19.754 -1.230  1.00 2.48 ? 20 A  A OP2    1 
ATOM   550 O "O5'"  . A  A 1 18 ? -2.965  -17.273 -1.543  1.00 1.62 ? 20 A  A "O5'"  1 
ATOM   551 C "C5'"  . A  A 1 18 ? -3.239  -17.184 -2.942  1.00 1.67 ? 20 A  A "C5'"  1 
ATOM   552 C "C4'"  . A  A 1 18 ? -3.622  -15.765 -3.351  1.00 1.68 ? 20 A  A "C4'"  1 
ATOM   553 O "O4'"  . A  A 1 18 ? -4.129  -15.020 -2.221  1.00 1.61 ? 20 A  A "O4'"  1 
ATOM   554 C "C3'"  . A  A 1 18 ? -2.421  -15.017 -3.907  1.00 1.74 ? 20 A  A "C3'"  1 
ATOM   555 O "O3'"  . A  A 1 18 ? -2.539  -14.829 -5.323  1.00 1.91 ? 20 A  A "O3'"  1 
ATOM   556 C "C2'"  . A  A 1 18 ? -2.383  -13.692 -3.192  1.00 1.72 ? 20 A  A "C2'"  1 
ATOM   557 O "O2'"  . A  A 1 18 ? -2.643  -12.622 -4.099  1.00 1.79 ? 20 A  A "O2'"  1 
ATOM   558 C "C1'"  . A  A 1 18 ? -3.457  -13.746 -2.120  1.00 1.60 ? 20 A  A "C1'"  1 
ATOM   559 N N9     . A  A 1 18 ? -2.859  -13.556 -0.784  1.00 1.56 ? 20 A  A N9     1 
ATOM   560 C C8     . A  A 1 18 ? -1.676  -14.008 -0.291  1.00 1.60 ? 20 A  A C8     1 
ATOM   561 N N7     . A  A 1 18 ? -1.370  -13.680 0.919   1.00 1.61 ? 20 A  A N7     1 
ATOM   562 C C5     . A  A 1 18 ? -2.475  -12.913 1.293   1.00 1.54 ? 20 A  A C5     1 
ATOM   563 C C6     . A  A 1 18 ? -2.801  -12.245 2.475   1.00 1.55 ? 20 A  A C6     1 
ATOM   564 N N6     . A  A 1 18 ? -2.011  -12.230 3.550   1.00 1.65 ? 20 A  A N6     1 
ATOM   565 N N1     . A  A 1 18 ? -3.969  -11.584 2.508   1.00 1.50 ? 20 A  A N1     1 
ATOM   566 C C2     . A  A 1 18 ? -4.774  -11.577 1.446   1.00 1.46 ? 20 A  A C2     1 
ATOM   567 N N3     . A  A 1 18 ? -4.567  -12.174 0.274   1.00 1.47 ? 20 A  A N3     1 
ATOM   568 C C4     . A  A 1 18 ? -3.387  -12.832 0.265   1.00 1.51 ? 20 A  A C4     1 
ATOM   569 H "H5'"  . A  A 1 18 ? -4.061  -17.857 -3.186  1.00 2.15 ? 20 A  A "H5'"  1 
ATOM   570 H "H5''" . A  A 1 18 ? -2.353  -17.490 -3.499  1.00 1.89 ? 20 A  A "H5''" 1 
ATOM   571 H "H4'"  . A  A 1 18 ? -4.396  -15.817 -4.117  1.00 1.76 ? 20 A  A "H4'"  1 
ATOM   572 H "H3'"  . A  A 1 18 ? -1.509  -15.572 -3.682  1.00 1.80 ? 20 A  A "H3'"  1 
ATOM   573 H "H2'"  . A  A 1 18 ? -1.407  -13.554 -2.726  1.00 1.79 ? 20 A  A "H2'"  1 
ATOM   574 H "HO2'" . A  A 1 18 ? -3.135  -11.951 -3.621  1.00 1.97 ? 20 A  A "HO2'" 1 
ATOM   575 H "H1'"  . A  A 1 18 ? -4.167  -12.942 -2.311  1.00 1.60 ? 20 A  A "H1'"  1 
ATOM   576 H H8     . A  A 1 18 ? -0.995  -14.604 -0.898  1.00 1.64 ? 20 A  A H8     1 
ATOM   577 H H61    . A  A 1 18 ? -2.299  -11.735 4.381   1.00 2.01 ? 20 A  A H61    1 
ATOM   578 H H62    . A  A 1 18 ? -1.127  -12.719 3.535   1.00 1.79 ? 20 A  A H62    1 
ATOM   579 H H2     . A  A 1 18 ? -5.705  -11.023 1.559   1.00 1.44 ? 20 A  A H2     1 
ATOM   580 P P      . A  A 1 19 ? -1.241  -14.941 -6.271  1.00 2.01 ? 21 A  A P      1 
ATOM   581 O OP1    . A  A 1 19 ? -1.194  -16.310 -6.833  1.00 2.76 ? 21 A  A OP1    1 
ATOM   582 O OP2    . A  A 1 19 ? -0.077  -14.410 -5.526  1.00 2.64 ? 21 A  A OP2    1 
ATOM   583 O "O5'"  . A  A 1 19 ? -1.582  -13.918 -7.469  1.00 2.00 ? 21 A  A "O5'"  1 
ATOM   584 C "C5'"  . A  A 1 19 ? -0.822  -12.716 -7.640  1.00 1.85 ? 21 A  A "C5'"  1 
ATOM   585 C "C4'"  . A  A 1 19 ? -1.521  -11.521 -7.003  1.00 1.36 ? 21 A  A "C4'"  1 
ATOM   586 O "O4'"  . A  A 1 19 ? -1.902  -11.765 -5.646  1.00 1.18 ? 21 A  A "O4'"  1 
ATOM   587 C "C3'"  . A  A 1 19 ? -0.655  -10.277 -6.944  1.00 1.32 ? 21 A  A "C3'"  1 
ATOM   588 O "O3'"  . A  A 1 19 ? -0.749  -9.515  -8.155  1.00 1.34 ? 21 A  A "O3'"  1 
ATOM   589 C "C2'"  . A  A 1 19 ? -1.209  -9.515  -5.753  1.00 1.19 ? 21 A  A "C2'"  1 
ATOM   590 O "O2'"  . A  A 1 19 ? -1.850  -8.299  -6.153  1.00 1.47 ? 21 A  A "O2'"  1 
ATOM   591 C "C1'"  . A  A 1 19 ? -2.210  -10.471 -5.111  1.00 0.87 ? 21 A  A "C1'"  1 
ATOM   592 N N9     . A  A 1 19 ? -2.153  -10.420 -3.638  1.00 0.80 ? 21 A  A N9     1 
ATOM   593 C C8     . A  A 1 19 ? -1.118  -10.679 -2.800  1.00 0.85 ? 21 A  A C8     1 
ATOM   594 N N7     . A  A 1 19 ? -1.300  -10.458 -1.539  1.00 0.84 ? 21 A  A N7     1 
ATOM   595 C C5     . A  A 1 19 ? -2.620  -9.995  -1.521  1.00 0.75 ? 21 A  A C5     1 
ATOM   596 C C6     . A  A 1 19 ? -3.462  -9.563  -0.490  1.00 0.74 ? 21 A  A C6     1 
ATOM   597 N N6     . A  A 1 19 ? -3.093  -9.455  0.781   1.00 0.79 ? 21 A  A N6     1 
ATOM   598 N N1     . A  A 1 19 ? -4.694  -9.183  -0.824  1.00 0.73 ? 21 A  A N1     1 
ATOM   599 C C2     . A  A 1 19 ? -5.097  -9.204  -2.095  1.00 0.74 ? 21 A  A C2     1 
ATOM   600 N N3     . A  A 1 19 ? -4.394  -9.587  -3.156  1.00 0.74 ? 21 A  A N3     1 
ATOM   601 C C4     . A  A 1 19 ? -3.148  -9.975  -2.795  1.00 0.74 ? 21 A  A C4     1 
ATOM   602 H "H5'"  . A  A 1 19 ? -0.693  -12.527 -8.706  1.00 2.31 ? 21 A  A "H5'"  1 
ATOM   603 H "H5''" . A  A 1 19 ? 0.156   -12.844 -7.178  1.00 2.24 ? 21 A  A "H5''" 1 
ATOM   604 H "H4'"  . A  A 1 19 ? -2.432  -11.255 -7.540  1.00 1.50 ? 21 A  A "H4'"  1 
ATOM   605 H "H3'"  . A  A 1 19 ? 0.382   -10.560 -6.750  1.00 1.70 ? 21 A  A "H3'"  1 
ATOM   606 H "H2'"  . A  A 1 19 ? -0.404  -9.306  -5.048  1.00 1.59 ? 21 A  A "H2'"  1 
ATOM   607 H "HO2'" . A  A 1 19 ? -1.300  -7.574  -5.847  1.00 1.89 ? 21 A  A "HO2'" 1 
ATOM   608 H "H1'"  . A  A 1 19 ? -3.211  -10.230 -5.463  1.00 0.93 ? 21 A  A "H1'"  1 
ATOM   609 H H8     . A  A 1 19 ? -0.169  -11.060 -3.176  1.00 0.96 ? 21 A  A H8     1 
ATOM   610 H H61    . A  A 1 19 ? -3.752  -9.093  1.462   1.00 1.21 ? 21 A  A H61    1 
ATOM   611 H H62    . A  A 1 19 ? -2.153  -9.695  1.058   1.00 1.20 ? 21 A  A H62    1 
ATOM   612 H H2     . A  A 1 19 ? -6.100  -8.813  -2.263  1.00 0.76 ? 21 A  A H2     1 
ATOM   613 P P      . A  A 1 20 ? -0.627  -7.908  -8.142  1.00 1.60 ? 22 A  A P      1 
ATOM   614 O OP1    . A  A 1 20 ? 0.017   -7.482  -9.403  1.00 2.40 ? 22 A  A OP1    1 
ATOM   615 O OP2    . A  A 1 20 ? -0.057  -7.485  -6.842  1.00 2.49 ? 22 A  A OP2    1 
ATOM   616 O "O5'"  . A  A 1 20 ? -2.171  -7.456  -8.189  1.00 1.40 ? 22 A  A "O5'"  1 
ATOM   617 C "C5'"  . A  A 1 20 ? -3.083  -8.128  -9.059  1.00 1.05 ? 22 A  A "C5'"  1 
ATOM   618 C "C4'"  . A  A 1 20 ? -4.516  -8.083  -8.536  1.00 0.97 ? 22 A  A "C4'"  1 
ATOM   619 O "O4'"  . A  A 1 20 ? -4.577  -8.427  -7.137  1.00 0.85 ? 22 A  A "O4'"  1 
ATOM   620 C "C3'"  . A  A 1 20 ? -5.109  -6.694  -8.697  1.00 0.98 ? 22 A  A "C3'"  1 
ATOM   621 O "O3'"  . A  A 1 20 ? -6.102  -6.677  -9.726  1.00 1.15 ? 22 A  A "O3'"  1 
ATOM   622 C "C2'"  . A  A 1 20 ? -5.710  -6.338  -7.360  1.00 0.88 ? 22 A  A "C2'"  1 
ATOM   623 O "O2'"  . A  A 1 20 ? -7.104  -6.034  -7.486  1.00 0.93 ? 22 A  A "O2'"  1 
ATOM   624 C "C1'"  . A  A 1 20 ? -5.497  -7.545  -6.465  1.00 0.81 ? 22 A  A "C1'"  1 
ATOM   625 N N9     . A  A 1 20 ? -4.986  -7.139  -5.140  1.00 0.73 ? 22 A  A N9     1 
ATOM   626 C C8     . A  A 1 20 ? -3.730  -7.198  -4.636  1.00 0.71 ? 22 A  A C8     1 
ATOM   627 N N7     . A  A 1 20 ? -3.555  -6.794  -3.421  1.00 0.67 ? 22 A  A N7     1 
ATOM   628 C C5     . A  A 1 20 ? -4.852  -6.416  -3.060  1.00 0.65 ? 22 A  A C5     1 
ATOM   629 C C6     . A  A 1 20 ? -5.397  -5.892  -1.880  1.00 0.64 ? 22 A  A C6     1 
ATOM   630 N N6     . A  A 1 20 ? -4.683  -5.671  -0.780  1.00 0.65 ? 22 A  A N6     1 
ATOM   631 N N1     . A  A 1 20 ? -6.717  -5.631  -1.867  1.00 0.68 ? 22 A  A N1     1 
ATOM   632 C C2     . A  A 1 20 ? -7.461  -5.880  -2.948  1.00 0.72 ? 22 A  A C2     1 
ATOM   633 N N3     . A  A 1 20 ? -7.048  -6.373  -4.111  1.00 0.73 ? 22 A  A N3     1 
ATOM   634 C C4     . A  A 1 20 ? -5.727  -6.622  -4.101  1.00 0.69 ? 22 A  A C4     1 
ATOM   635 H "H5'"  . A  A 1 20 ? -2.775  -9.170  -9.157  1.00 1.35 ? 22 A  A "H5'"  1 
ATOM   636 H "H5''" . A  A 1 20 ? -3.050  -7.655  -10.040 1.00 1.63 ? 22 A  A "H5''" 1 
ATOM   637 H "H4'"  . A  A 1 20 ? -5.120  -8.793  -9.100  1.00 1.06 ? 22 A  A "H4'"  1 
ATOM   638 H "H3'"  . A  A 1 20 ? -4.313  -5.985  -8.937  1.00 1.00 ? 22 A  A "H3'"  1 
ATOM   639 H "H2'"  . A  A 1 20 ? -5.178  -5.483  -6.944  1.00 0.87 ? 22 A  A "H2'"  1 
ATOM   640 H "HO2'" . A  A 1 20 ? -7.171  -5.170  -7.897  1.00 1.26 ? 22 A  A "HO2'" 1 
ATOM   641 H "H1'"  . A  A 1 20 ? -6.447  -8.066  -6.337  1.00 0.83 ? 22 A  A "H1'"  1 
ATOM   642 H H8     . A  A 1 20 ? -2.900  -7.573  -5.233  1.00 0.76 ? 22 A  A H8     1 
ATOM   643 H H61    . A  A 1 20 ? -5.134  -5.310  0.045   1.00 1.02 ? 22 A  A H61    1 
ATOM   644 H H62    . A  A 1 20 ? -3.694  -5.879  -0.769  1.00 1.11 ? 22 A  A H62    1 
ATOM   645 H H2     . A  A 1 20 ? -8.532  -5.697  -2.865  1.00 0.78 ? 22 A  A H2     1 
ATOM   646 P P      . A  A 1 21 ? -5.683  -6.887  -11.267 1.00 1.07 ? 23 A  A P      1 
ATOM   647 O OP1    . A  A 1 21 ? -6.588  -7.898  -11.859 1.00 1.66 ? 23 A  A OP1    1 
ATOM   648 O OP2    . A  A 1 21 ? -4.217  -7.085  -11.326 1.00 1.91 ? 23 A  A OP2    1 
ATOM   649 O "O5'"  . A  A 1 21 ? -6.026  -5.457  -11.924 1.00 1.28 ? 23 A  A "O5'"  1 
ATOM   650 C "C5'"  . A  A 1 21 ? -5.641  -4.244  -11.271 1.00 1.14 ? 23 A  A "C5'"  1 
ATOM   651 C "C4'"  . A  A 1 21 ? -6.601  -3.892  -10.138 1.00 1.09 ? 23 A  A "C4'"  1 
ATOM   652 O "O4'"  . A  A 1 21 ? -6.134  -4.434  -8.890  1.00 1.04 ? 23 A  A "O4'"  1 
ATOM   653 C "C3'"  . A  A 1 21 ? -6.732  -2.383  -9.981  1.00 1.15 ? 23 A  A "C3'"  1 
ATOM   654 O "O3'"  . A  A 1 21 ? -8.066  -1.960  -10.272 1.00 1.28 ? 23 A  A "O3'"  1 
ATOM   655 C "C2'"  . A  A 1 21 ? -6.369  -2.071  -8.549  1.00 1.09 ? 23 A  A "C2'"  1 
ATOM   656 O "O2'"  . A  A 1 21 ? -7.433  -1.376  -7.892  1.00 1.09 ? 23 A  A "O2'"  1 
ATOM   657 C "C1'"  . A  A 1 21 ? -6.107  -3.411  -7.875  1.00 1.04 ? 23 A  A "C1'"  1 
ATOM   658 N N9     . A  A 1 21 ? -4.812  -3.418  -7.141  1.00 1.01 ? 23 A  A N9     1 
ATOM   659 C C8     . A  A 1 21 ? -3.520  -3.589  -7.579  1.00 1.04 ? 23 A  A C8     1 
ATOM   660 N N7     . A  A 1 21 ? -2.586  -3.530  -6.692  1.00 1.03 ? 23 A  A N7     1 
ATOM   661 C C5     . A  A 1 21 ? -3.307  -3.309  -5.522  1.00 0.99 ? 23 A  A C5     1 
ATOM   662 C C6     . A  A 1 21 ? -2.909  -3.158  -4.191  1.00 0.98 ? 23 A  A C6     1 
ATOM   663 N N6     . A  A 1 21 ? -1.635  -3.226  -3.802  1.00 1.01 ? 23 A  A N6     1 
ATOM   664 N N1     . A  A 1 21 ? -3.872  -2.964  -3.276  1.00 0.99 ? 23 A  A N1     1 
ATOM   665 C C2     . A  A 1 21 ? -5.155  -2.926  -3.641  1.00 1.02 ? 23 A  A C2     1 
ATOM   666 N N3     . A  A 1 21 ? -5.643  -3.045  -4.875  1.00 1.01 ? 23 A  A N3     1 
ATOM   667 C C4     . A  A 1 21 ? -4.657  -3.240  -5.777  1.00 0.99 ? 23 A  A C4     1 
ATOM   668 H "H5'"  . A  A 1 21 ? -5.638  -3.435  -12.002 1.00 1.37 ? 23 A  A "H5'"  1 
ATOM   669 H "H5''" . A  A 1 21 ? -4.638  -4.360  -10.865 1.00 1.53 ? 23 A  A "H5''" 1 
ATOM   670 H "H4'"  . A  A 1 21 ? -7.581  -4.311  -10.361 1.00 1.16 ? 23 A  A "H4'"  1 
ATOM   671 H "H3'"  . A  A 1 21 ? -6.029  -1.882  -10.649 1.00 1.24 ? 23 A  A "H3'"  1 
ATOM   672 H "H2'"  . A  A 1 21 ? -5.465  -1.465  -8.533  1.00 1.15 ? 23 A  A "H2'"  1 
ATOM   673 H "HO2'" . A  A 1 21 ? -7.050  -0.616  -7.448  1.00 1.24 ? 23 A  A "HO2'" 1 
ATOM   674 H "H1'"  . A  A 1 21 ? -6.922  -3.592  -7.159  1.00 1.05 ? 23 A  A "H1'"  1 
ATOM   675 H H8     . A  A 1 21 ? -3.260  -3.853  -8.613  1.00 1.06 ? 23 A  A H8     1 
ATOM   676 H H61    . A  A 1 21 ? -1.396  -3.118  -2.827  1.00 1.15 ? 23 A  A H61    1 
ATOM   677 H H62    . A  A 1 21 ? -0.907  -3.395  -4.481  1.00 1.51 ? 23 A  A H62    1 
ATOM   678 H H2     . A  A 1 21 ? -5.882  -2.888  -2.829  1.00 1.11 ? 23 A  A H2     1 
ATOM   679 P P      . A  A 1 22 ? -8.364  -0.612  -11.097 1.00 1.16 ? 24 A  A P      1 
ATOM   680 O OP1    . A  A 1 22 ? -9.830  -0.472  -11.241 1.00 1.89 ? 24 A  A OP1    1 
ATOM   681 O OP2    . A  A 1 22 ? -7.500  -0.603  -12.298 1.00 1.93 ? 24 A  A OP2    1 
ATOM   682 O "O5'"  . A  A 1 22 ? -7.845  0.530   -10.093 1.00 1.08 ? 24 A  A "O5'"  1 
ATOM   683 C "C5'"  . A  A 1 22 ? -8.545  0.825   -8.876  1.00 1.16 ? 24 A  A "C5'"  1 
ATOM   684 C "C4'"  . A  A 1 22 ? -7.823  1.925   -8.099  1.00 1.02 ? 24 A  A "C4'"  1 
ATOM   685 O "O4'"  . A  A 1 22 ? -7.363  1.486   -6.805  1.00 0.96 ? 24 A  A "O4'"  1 
ATOM   686 C "C3'"  . A  A 1 22 ? -6.620  2.430   -8.875  1.00 1.01 ? 24 A  A "C3'"  1 
ATOM   687 O "O3'"  . A  A 1 22 ? -6.941  3.748   -9.357  1.00 1.06 ? 24 A  A "O3'"  1 
ATOM   688 C "C2'"  . A  A 1 22 ? -5.461  2.442   -7.892  1.00 0.89 ? 24 A  A "C2'"  1 
ATOM   689 O "O2'"  . A  A 1 22 ? -4.835  3.725   -7.840  1.00 1.05 ? 24 A  A "O2'"  1 
ATOM   690 C "C1'"  . A  A 1 22 ? -6.077  2.077   -6.559  1.00 0.83 ? 24 A  A "C1'"  1 
ATOM   691 N N9     . A  A 1 22 ? -5.208  1.221   -5.700  1.00 0.76 ? 24 A  A N9     1 
ATOM   692 C C8     . A  A 1 22 ? -4.361  0.168   -5.914  1.00 0.74 ? 24 A  A C8     1 
ATOM   693 N N7     . A  A 1 22 ? -3.775  -0.336  -4.883  1.00 0.75 ? 24 A  A N7     1 
ATOM   694 C C5     . A  A 1 22 ? -4.266  0.446   -3.863  1.00 0.74 ? 24 A  A C5     1 
ATOM   695 C C6     . A  A 1 22 ? -4.047  0.442   -2.495  1.00 0.76 ? 24 A  A C6     1 
ATOM   696 N N6     . A  A 1 22 ? -3.277  -0.448  -1.889  1.00 0.81 ? 24 A  A N6     1 
ATOM   697 N N1     . A  A 1 22 ? -4.675  1.367   -1.771  1.00 0.78 ? 24 A  A N1     1 
ATOM   698 C C2     . A  A 1 22 ? -5.485  2.252   -2.360  1.00 0.80 ? 24 A  A C2     1 
ATOM   699 N N3     . A  A 1 22 ? -5.774  2.324   -3.646  1.00 0.80 ? 24 A  A N3     1 
ATOM   700 C C4     . A  A 1 22 ? -5.125  1.391   -4.344  1.00 0.75 ? 24 A  A C4     1 
ATOM   701 H "H5'"  . A  A 1 22 ? -8.596  -0.074  -8.263  1.00 1.71 ? 24 A  A "H5'"  1 
ATOM   702 H "H5''" . A  A 1 22 ? -9.556  1.154   -9.116  1.00 1.82 ? 24 A  A "H5''" 1 
ATOM   703 H "H4'"  . A  A 1 22 ? -8.451  2.808   -7.994  1.00 1.05 ? 24 A  A "H4'"  1 
ATOM   704 H "H3'"  . A  A 1 22 ? -6.397  1.764   -9.711  1.00 1.17 ? 24 A  A "H3'"  1 
ATOM   705 H "H2'"  . A  A 1 22 ? -4.734  1.677   -8.177  1.00 0.97 ? 24 A  A "H2'"  1 
ATOM   706 H "HO2'" . A  A 1 22 ? -5.275  4.285   -8.481  1.00 1.38 ? 24 A  A "HO2'" 1 
ATOM   707 H "H1'"  . A  A 1 22 ? -6.232  2.967   -5.950  1.00 0.96 ? 24 A  A "H1'"  1 
ATOM   708 H H8     . A  A 1 22 ? -4.215  -0.322  -6.840  1.00 0.74 ? 24 A  A H8     1 
ATOM   709 H H61    . A  A 1 22 ? -3.149  -0.405  -0.891  1.00 1.19 ? 24 A  A H61    1 
ATOM   710 H H62    . A  A 1 22 ? -2.823  -1.172  -2.426  1.00 1.23 ? 24 A  A H62    1 
ATOM   711 H H2     . A  A 1 22 ? -5.887  3.064   -1.757  1.00 0.89 ? 24 A  A H2     1 
ATOM   712 P P      . C  A 1 23 ? -6.092  4.461   -10.511 1.00 1.38 ? 25 C  A P      1 
ATOM   713 O OP1    . C  A 1 23 ? -6.817  4.354   -11.797 1.00 2.12 ? 25 C  A OP1    1 
ATOM   714 O OP2    . C  A 1 23 ? -4.703  3.959   -10.404 1.00 2.11 ? 25 C  A OP2    1 
ATOM   715 O "O5'"  . C  A 1 23 ? -6.108  6.003   -10.050 1.00 1.69 ? 25 C  A "O5'"  1 
ATOM   716 C "C5'"  . C  A 1 23 ? -6.601  7.018   -10.929 1.00 1.84 ? 25 C  A "C5'"  1 
ATOM   717 C "C4'"  . C  A 1 23 ? -6.003  6.888   -12.328 1.00 1.93 ? 25 C  A "C4'"  1 
ATOM   718 O "O4'"  . C  A 1 23 ? -6.810  7.587   -13.297 1.00 2.66 ? 25 C  A "O4'"  1 
ATOM   719 C "C3'"  . C  A 1 23 ? -4.598  7.467   -12.375 1.00 1.92 ? 25 C  A "C3'"  1 
ATOM   720 O "O3'"  . C  A 1 23 ? -3.620  6.431   -12.520 1.00 2.09 ? 25 C  A "O3'"  1 
ATOM   721 C "C2'"  . C  A 1 23 ? -4.568  8.409   -13.553 1.00 2.68 ? 25 C  A "C2'"  1 
ATOM   722 O "O2'"  . C  A 1 23 ? -3.668  7.936   -14.559 1.00 3.27 ? 25 C  A "O2'"  1 
ATOM   723 C "C1'"  . C  A 1 23 ? -5.992  8.475   -14.087 1.00 3.03 ? 25 C  A "C1'"  1 
ATOM   724 N N1     . C  A 1 23 ? -6.503  9.856   -14.024 1.00 3.67 ? 25 C  A N1     1 
ATOM   725 C C2     . C  A 1 23 ? -6.764  10.496  -15.224 1.00 3.90 ? 25 C  A C2     1 
ATOM   726 O O2     . C  A 1 23 ? -6.585  9.907   -16.288 1.00 3.79 ? 25 C  A O2     1 
ATOM   727 N N3     . C  A 1 23 ? -7.219  11.779  -15.185 1.00 4.70 ? 25 C  A N3     1 
ATOM   728 C C4     . C  A 1 23 ? -7.409  12.407  -14.018 1.00 5.28 ? 25 C  A C4     1 
ATOM   729 N N4     . C  A 1 23 ? -7.852  13.664  -14.016 1.00 6.18 ? 25 C  A N4     1 
ATOM   730 C C5     . C  A 1 23 ? -7.140  11.748  -12.776 1.00 5.25 ? 25 C  A C5     1 
ATOM   731 C C6     . C  A 1 23 ? -6.694  10.478  -12.825 1.00 4.45 ? 25 C  A C6     1 
ATOM   732 H "H5'"  . C  A 1 23 ? -6.346  7.997   -10.521 1.00 2.21 ? 25 C  A "H5'"  1 
ATOM   733 H "H5''" . C  A 1 23 ? -7.686  6.933   -10.997 1.00 2.42 ? 25 C  A "H5''" 1 
ATOM   734 H "H4'"  . C  A 1 23 ? -5.962  5.834   -12.599 1.00 2.16 ? 25 C  A "H4'"  1 
ATOM   735 H "H3'"  . C  A 1 23 ? -4.405  8.029   -11.458 1.00 1.94 ? 25 C  A "H3'"  1 
ATOM   736 H "H2'"  . C  A 1 23 ? -4.261  9.401   -13.216 1.00 3.03 ? 25 C  A "H2'"  1 
ATOM   737 H "HO2'" . C  A 1 23 ? -3.279  7.123   -14.230 1.00 3.30 ? 25 C  A "HO2'" 1 
ATOM   738 H "H1'"  . C  A 1 23 ? -6.001  8.140   -15.123 1.00 3.55 ? 25 C  A "H1'"  1 
ATOM   739 H H41    . C  A 1 23 ? -8.044  14.132  -14.891 1.00 6.46 ? 25 C  A H41    1 
ATOM   740 H H42    . C  A 1 23 ? -7.997  14.147  -13.141 1.00 6.70 ? 25 C  A H42    1 
ATOM   741 H H5     . C  A 1 23 ? -7.274  12.262  -11.824 1.00 6.03 ? 25 C  A H5     1 
ATOM   742 H H6     . C  A 1 23 ? -6.497  9.937   -11.899 1.00 4.68 ? 25 C  A H6     1 
ATOM   743 P P      . A  A 1 24 ? -2.524  6.175   -11.368 1.00 2.08 ? 26 A  A P      1 
ATOM   744 O OP1    . A  A 1 24 ? -1.529  7.270   -11.422 1.00 2.85 ? 26 A  A OP1    1 
ATOM   745 O OP2    . A  A 1 24 ? -2.079  4.767   -11.456 1.00 2.89 ? 26 A  A OP2    1 
ATOM   746 O "O5'"  . A  A 1 24 ? -3.388  6.346   -10.019 1.00 1.41 ? 26 A  A "O5'"  1 
ATOM   747 C "C5'"  . A  A 1 24 ? -2.763  6.743   -8.794  1.00 1.06 ? 26 A  A "C5'"  1 
ATOM   748 C "C4'"  . A  A 1 24 ? -3.790  6.907   -7.678  1.00 0.93 ? 26 A  A "C4'"  1 
ATOM   749 O "O4'"  . A  A 1 24 ? -4.228  5.623   -7.196  1.00 0.94 ? 26 A  A "O4'"  1 
ATOM   750 C "C3'"  . A  A 1 24 ? -3.203  7.668   -6.503  1.00 0.92 ? 26 A  A "C3'"  1 
ATOM   751 O "O3'"  . A  A 1 24 ? -3.665  9.026   -6.477  1.00 1.06 ? 26 A  A "O3'"  1 
ATOM   752 C "C2'"  . A  A 1 24 ? -3.636  6.916   -5.262  1.00 0.87 ? 26 A  A "C2'"  1 
ATOM   753 O "O2'"  . A  A 1 24 ? -4.612  7.660   -4.530  1.00 0.94 ? 26 A  A "O2'"  1 
ATOM   754 C "C1'"  . A  A 1 24 ? -4.216  5.601   -5.754  1.00 0.87 ? 26 A  A "C1'"  1 
ATOM   755 N N9     . A  A 1 24 ? -3.431  4.450   -5.256  1.00 0.88 ? 26 A  A N9     1 
ATOM   756 C C8     . A  A 1 24 ? -2.939  3.378   -5.933  1.00 1.05 ? 26 A  A C8     1 
ATOM   757 N N7     . A  A 1 24 ? -2.398  2.434   -5.240  1.00 1.18 ? 26 A  A N7     1 
ATOM   758 C C5     . A  A 1 24 ? -2.522  2.924   -3.939  1.00 1.01 ? 26 A  A C5     1 
ATOM   759 C C6     . A  A 1 24 ? -2.140  2.407   -2.698  1.00 1.04 ? 26 A  A C6     1 
ATOM   760 N N6     . A  A 1 24 ? -1.533  1.231   -2.553  1.00 1.30 ? 26 A  A N6     1 
ATOM   761 N N1     . A  A 1 24 ? -2.401  3.148   -1.612  1.00 0.89 ? 26 A  A N1     1 
ATOM   762 C C2     . A  A 1 24 ? -3.001  4.331   -1.730  1.00 0.79 ? 26 A  A C2     1 
ATOM   763 N N3     . A  A 1 24 ? -3.421  4.915   -2.854  1.00 0.79 ? 26 A  A N3     1 
ATOM   764 C C4     . A  A 1 24 ? -3.145  4.151   -3.934  1.00 0.84 ? 26 A  A C4     1 
ATOM   765 H "H5'"  . A  A 1 24 ? -2.247  7.690   -8.947  1.00 1.54 ? 26 A  A "H5'"  1 
ATOM   766 H "H5''" . A  A 1 24 ? -2.037  5.983   -8.502  1.00 1.53 ? 26 A  A "H5''" 1 
ATOM   767 H "H4'"  . A  A 1 24 ? -4.650  7.452   -8.063  1.00 1.00 ? 26 A  A "H4'"  1 
ATOM   768 H "H3'"  . A  A 1 24 ? -2.114  7.650   -6.579  1.00 0.97 ? 26 A  A "H3'"  1 
ATOM   769 H "H2'"  . A  A 1 24 ? -2.766  6.717   -4.634  1.00 0.91 ? 26 A  A "H2'"  1 
ATOM   770 H "HO2'" . A  A 1 24 ? -4.587  8.560   -4.862  1.00 1.25 ? 26 A  A "HO2'" 1 
ATOM   771 H "H1'"  . A  A 1 24 ? -5.240  5.478   -5.405  1.00 0.89 ? 26 A  A "H1'"  1 
ATOM   772 H H8     . A  A 1 24 ? -2.920  3.340   -7.021  1.00 1.07 ? 26 A  A H8     1 
ATOM   773 H H61    . A  A 1 24 ? -1.280  0.904   -1.631  1.00 1.65 ? 26 A  A H61    1 
ATOM   774 H H62    . A  A 1 24 ? -1.327  0.665   -3.361  1.00 1.66 ? 26 A  A H62    1 
ATOM   775 H H2     . A  A 1 24 ? -3.085  4.913   -0.811  1.00 0.83 ? 26 A  A H2     1 
ATOM   776 P P      . A  A 1 25 ? -2.870  10.170  -7.288  1.00 1.39 ? 27 A  A P      1 
ATOM   777 O OP1    . A  A 1 25 ? -3.648  10.499  -8.503  1.00 2.15 ? 27 A  A OP1    1 
ATOM   778 O OP2    . A  A 1 25 ? -1.455  9.750   -7.410  1.00 2.39 ? 27 A  A OP2    1 
ATOM   779 O "O5'"  . A  A 1 25 ? -2.932  11.437  -6.291  1.00 1.05 ? 27 A  A "O5'"  1 
ATOM   780 C "C5'"  . A  A 1 25 ? -2.467  11.334  -4.942  1.00 0.86 ? 27 A  A "C5'"  1 
ATOM   781 C "C4'"  . A  A 1 25 ? -3.593  10.926  -4.001  1.00 0.79 ? 27 A  A "C4'"  1 
ATOM   782 O "O4'"  . A  A 1 25 ? -3.701  9.489   -3.921  1.00 0.81 ? 27 A  A "O4'"  1 
ATOM   783 C "C3'"  . A  A 1 25 ? -3.351  11.430  -2.590  1.00 0.79 ? 27 A  A "C3'"  1 
ATOM   784 O "O3'"  . A  A 1 25 ? -3.995  12.689  -2.359  1.00 0.90 ? 27 A  A "O3'"  1 
ATOM   785 C "C2'"  . A  A 1 25 ? -3.929  10.360  -1.708  1.00 0.82 ? 27 A  A "C2'"  1 
ATOM   786 O "O2'"  . A  A 1 25 ? -5.268  10.682  -1.319  1.00 0.97 ? 27 A  A "O2'"  1 
ATOM   787 C "C1'"  . A  A 1 25 ? -3.888  9.094   -2.542  1.00 0.80 ? 27 A  A "C1'"  1 
ATOM   788 N N9     . A  A 1 25 ? -2.799  8.212   -2.078  1.00 0.77 ? 27 A  A N9     1 
ATOM   789 C C8     . A  A 1 25 ? -1.640  7.840   -2.690  1.00 0.83 ? 27 A  A C8     1 
ATOM   790 N N7     . A  A 1 25 ? -0.849  7.063   -2.036  1.00 0.85 ? 27 A  A N7     1 
ATOM   791 C C5     . A  A 1 25 ? -1.544  6.872   -0.850  1.00 0.78 ? 27 A  A C5     1 
ATOM   792 C C6     . A  A 1 25 ? -1.258  6.128   0.293   1.00 0.81 ? 27 A  A C6     1 
ATOM   793 N N6     . A  A 1 25 ? -0.147  5.407   0.441   1.00 0.86 ? 27 A  A N6     1 
ATOM   794 N N1     . A  A 1 25 ? -2.159  6.151   1.277   1.00 0.86 ? 27 A  A N1     1 
ATOM   795 C C2     . A  A 1 25 ? -3.283  6.858   1.164   1.00 0.91 ? 27 A  A C2     1 
ATOM   796 N N3     . A  A 1 25 ? -3.660  7.606   0.129   1.00 0.85 ? 27 A  A N3     1 
ATOM   797 C C4     . A  A 1 25 ? -2.734  7.567   -0.859  1.00 0.77 ? 27 A  A C4     1 
ATOM   798 H "H5'"  . A  A 1 25 ? -2.071  12.300  -4.628  1.00 1.28 ? 27 A  A "H5'"  1 
ATOM   799 H "H5''" . A  A 1 25 ? -1.673  10.590  -4.894  1.00 1.21 ? 27 A  A "H5''" 1 
ATOM   800 H "H4'"  . A  A 1 25 ? -4.534  11.331  -4.371  1.00 0.89 ? 27 A  A "H4'"  1 
ATOM   801 H "H3'"  . A  A 1 25 ? -2.277  11.515  -2.408  1.00 0.81 ? 27 A  A "H3'"  1 
ATOM   802 H "H2'"  . A  A 1 25 ? -3.303  10.232  -0.828  1.00 0.86 ? 27 A  A "H2'"  1 
ATOM   803 H "HO2'" . A  A 1 25 ? -5.215  11.433  -0.724  1.00 1.45 ? 27 A  A "HO2'" 1 
ATOM   804 H "H1'"  . A  A 1 25 ? -4.838  8.569   -2.445  1.00 0.90 ? 27 A  A "H1'"  1 
ATOM   805 H H8     . A  A 1 25 ? -1.409  8.089   -3.721  1.00 0.85 ? 27 A  A H8     1 
ATOM   806 H H61    . A  A 1 25 ? 0.000   4.877   1.291   1.00 1.16 ? 27 A  A H61    1 
ATOM   807 H H62    . A  A 1 25 ? 0.541   5.381   -0.296  1.00 1.11 ? 27 A  A H62    1 
ATOM   808 H H2     . A  A 1 25 ? -3.977  6.768   2.002   1.00 1.12 ? 27 A  A H2     1 
ATOM   809 P P      . C  A 1 26 ? -3.216  13.885  -1.610  1.00 0.88 ? 28 C  A P      1 
ATOM   810 O OP1    . C  A 1 26 ? -4.066  15.095  -1.663  1.00 1.62 ? 28 C  A OP1    1 
ATOM   811 O OP2    . C  A 1 26 ? -1.832  13.935  -2.135  1.00 1.50 ? 28 C  A OP2    1 
ATOM   812 O "O5'"  . C  A 1 26 ? -3.155  13.381  -0.078  1.00 0.73 ? 28 C  A "O5'"  1 
ATOM   813 C "C5'"  . C  A 1 26 ? -2.098  13.819  0.786   1.00 0.79 ? 28 C  A "C5'"  1 
ATOM   814 C "C4'"  . C  A 1 26 ? -2.363  13.452  2.247   1.00 0.69 ? 28 C  A "C4'"  1 
ATOM   815 O "O4'"  . C  A 1 26 ? -2.845  12.092  2.356   1.00 0.63 ? 28 C  A "O4'"  1 
ATOM   816 C "C3'"  . C  A 1 26 ? -1.081  13.548  3.066   1.00 0.68 ? 28 C  A "C3'"  1 
ATOM   817 O "O3'"  . C  A 1 26 ? -1.077  14.724  3.885   1.00 0.77 ? 28 C  A "O3'"  1 
ATOM   818 C "C2'"  . C  A 1 26 ? -1.059  12.292  3.901   1.00 0.64 ? 28 C  A "C2'"  1 
ATOM   819 O "O2'"  . C  A 1 26 ? -1.619  12.525  5.199   1.00 0.67 ? 28 C  A "O2'"  1 
ATOM   820 C "C1'"  . C  A 1 26 ? -1.899  11.308  3.115   1.00 0.61 ? 28 C  A "C1'"  1 
ATOM   821 N N1     . C  A 1 26 ? -1.074  10.506  2.194   1.00 0.62 ? 28 C  A N1     1 
ATOM   822 C C2     . C  A 1 26 ? 0.023   9.834   2.706   1.00 0.64 ? 28 C  A C2     1 
ATOM   823 O O2     . C  A 1 26 ? 0.358   9.989   3.889   1.00 0.69 ? 28 C  A O2     1 
ATOM   824 N N3     . C  A 1 26 ? 0.729   9.030   1.859   1.00 0.64 ? 28 C  A N3     1 
ATOM   825 C C4     . C  A 1 26 ? 0.381   8.895   0.576   1.00 0.63 ? 28 C  A C4     1 
ATOM   826 N N4     . C  A 1 26 ? 1.074   8.056   -0.201  1.00 0.65 ? 28 C  A N4     1 
ATOM   827 C C5     . C  A 1 26 ? -0.745  9.604   0.043   1.00 0.64 ? 28 C  A C5     1 
ATOM   828 C C6     . C  A 1 26 ? -1.437  10.393  0.890   1.00 0.63 ? 28 C  A C6     1 
ATOM   829 H "H5'"  . C  A 1 26 ? -1.999  14.901  0.705   1.00 1.35 ? 28 C  A "H5'"  1 
ATOM   830 H "H5''" . C  A 1 26 ? -1.165  13.353  0.467   1.00 1.22 ? 28 C  A "H5''" 1 
ATOM   831 H "H4'"  . C  A 1 26 ? -3.107  14.131  2.661   1.00 0.77 ? 28 C  A "H4'"  1 
ATOM   832 H "H3'"  . C  A 1 26 ? -0.219  13.555  2.396   1.00 0.74 ? 28 C  A "H3'"  1 
ATOM   833 H "H2'"  . C  A 1 26 ? -0.038  11.920  3.991   1.00 0.69 ? 28 C  A "H2'"  1 
ATOM   834 H "HO2'" . C  A 1 26 ? -1.650  11.679  5.652   1.00 1.18 ? 28 C  A "HO2'" 1 
ATOM   835 H "H1'"  . C  A 1 26 ? -2.432  10.630  3.785   1.00 0.63 ? 28 C  A "H1'"  1 
ATOM   836 H H41    . C  A 1 26 ? 1.861   7.518   0.192   1.00 0.66 ? 28 C  A H41    1 
ATOM   837 H H42    . C  A 1 26 ? 0.805   7.925   -1.165  1.00 0.68 ? 28 C  A H42    1 
ATOM   838 H H5     . C  A 1 26 ? -1.028  9.511   -1.004  1.00 0.68 ? 28 C  A H5     1 
ATOM   839 H H6     . C  A 1 26 ? -2.307  10.948  0.549   1.00 0.66 ? 28 C  A H6     1 
ATOM   840 P P      . G  A 1 27 ? 0.166   15.753  3.839   1.00 1.00 ? 29 G  A P      1 
ATOM   841 O OP1    . G  A 1 27 ? -0.371  17.132  3.878   1.00 1.58 ? 29 G  A OP1    1 
ATOM   842 O OP2    . G  A 1 27 ? 1.069   15.342  2.742   1.00 1.92 ? 29 G  A OP2    1 
ATOM   843 O "O5'"  . G  A 1 27 ? 0.902   15.457  5.238   1.00 0.92 ? 29 G  A "O5'"  1 
ATOM   844 C "C5'"  . G  A 1 27 ? 0.410   14.411  6.079   1.00 0.93 ? 29 G  A "C5'"  1 
ATOM   845 C "C4'"  . G  A 1 27 ? 1.398   13.271  6.253   1.00 0.91 ? 29 G  A "C4'"  1 
ATOM   846 O "O4'"  . G  A 1 27 ? 1.296   12.323  5.193   1.00 0.90 ? 29 G  A "O4'"  1 
ATOM   847 C "C3'"  . G  A 1 27 ? 2.852   13.704  6.242   1.00 0.91 ? 29 G  A "C3'"  1 
ATOM   848 O "O3'"  . G  A 1 27 ? 3.270   14.199  7.518   1.00 1.00 ? 29 G  A "O3'"  1 
ATOM   849 C "C2'"  . G  A 1 27 ? 3.583   12.427  5.872   1.00 0.91 ? 29 G  A "C2'"  1 
ATOM   850 O "O2'"  . G  A 1 27 ? 3.956   11.678  7.048   1.00 0.95 ? 29 G  A "O2'"  1 
ATOM   851 C "C1'"  . G  A 1 27 ? 2.552   11.631  5.120   1.00 0.91 ? 29 G  A "C1'"  1 
ATOM   852 N N9     . G  A 1 27 ? 2.879   11.201  3.755   1.00 0.90 ? 29 G  A N9     1 
ATOM   853 C C8     . G  A 1 27 ? 2.170   11.362  2.608   1.00 0.91 ? 29 G  A C8     1 
ATOM   854 N N7     . G  A 1 27 ? 2.516   10.662  1.583   1.00 0.92 ? 29 G  A N7     1 
ATOM   855 C C5     . G  A 1 27 ? 3.595   9.936   2.088   1.00 0.92 ? 29 G  A C5     1 
ATOM   856 C C6     . G  A 1 27 ? 4.419   8.976   1.447   1.00 0.96 ? 29 G  A C6     1 
ATOM   857 O O6     . G  A 1 27 ? 4.350   8.574   0.287   1.00 1.00 ? 29 G  A O6     1 
ATOM   858 N N1     . G  A 1 27 ? 5.395   8.482   2.311   1.00 0.97 ? 29 G  A N1     1 
ATOM   859 C C2     . G  A 1 27 ? 5.555   8.865   3.632   1.00 0.96 ? 29 G  A C2     1 
ATOM   860 N N2     . G  A 1 27 ? 6.550   8.282   4.309   1.00 0.99 ? 29 G  A N2     1 
ATOM   861 N N3     . G  A 1 27 ? 4.779   9.768   4.237   1.00 0.93 ? 29 G  A N3     1 
ATOM   862 C C4     . G  A 1 27 ? 3.827   10.262  3.414   1.00 0.91 ? 29 G  A C4     1 
ATOM   863 H "H5'"  . G  A 1 27 ? -0.471  13.982  5.622   1.00 1.04 ? 29 G  A "H5'"  1 
ATOM   864 H "H5''" . G  A 1 27 ? 0.140   14.827  7.061   1.00 0.98 ? 29 G  A "H5''" 1 
ATOM   865 H "H4'"  . G  A 1 27 ? 1.187   12.762  7.192   1.00 0.96 ? 29 G  A "H4'"  1 
ATOM   866 H "H3'"  . G  A 1 27 ? 3.008   14.458  5.466   1.00 0.94 ? 29 G  A "H3'"  1 
ATOM   867 H "H2'"  . G  A 1 27 ? 4.452   12.643  5.241   1.00 0.92 ? 29 G  A "H2'"  1 
ATOM   868 H "HO2'" . G  A 1 27 ? 3.603   12.146  7.807   1.00 1.23 ? 29 G  A "HO2'" 1 
ATOM   869 H "H1'"  . G  A 1 27 ? 2.403   10.713  5.695   1.00 0.93 ? 29 G  A "H1'"  1 
ATOM   870 H H8     . G  A 1 27 ? 1.325   12.045  2.560   1.00 0.93 ? 29 G  A H8     1 
ATOM   871 H H1     . G  A 1 27 ? 6.042   7.775   1.912   1.00 1.01 ? 29 G  A H1     1 
ATOM   872 H H21    . G  A 1 27 ? 7.142   7.601   3.852   1.00 1.03 ? 29 G  A H21    1 
ATOM   873 H H22    . G  A 1 27 ? 6.712   8.525   5.275   1.00 1.00 ? 29 G  A H22    1 
ATOM   874 P P      . G  A 1 28 ? 4.368   15.369  7.585   1.00 1.13 ? 30 G  A P      1 
ATOM   875 O OP1    . G  A 1 28 ? 5.231   15.134  8.764   1.00 1.76 ? 30 G  A OP1    1 
ATOM   876 O OP2    . G  A 1 28 ? 3.678   16.667  7.415   1.00 1.93 ? 30 G  A OP2    1 
ATOM   877 O "O5'"  . G  A 1 28 ? 5.229   15.074  6.259   1.00 1.18 ? 30 G  A "O5'"  1 
ATOM   878 C "C5'"  . G  A 1 28 ? 6.309   15.930  5.874   1.00 1.52 ? 30 G  A "C5'"  1 
ATOM   879 C "C4'"  . G  A 1 28 ? 7.652   15.217  5.899   1.00 1.70 ? 30 G  A "C4'"  1 
ATOM   880 O "O4'"  . G  A 1 28 ? 7.542   13.885  5.370   1.00 1.44 ? 30 G  A "O4'"  1 
ATOM   881 C "C3'"  . G  A 1 28 ? 8.701   15.928  5.060   1.00 1.92 ? 30 G  A "C3'"  1 
ATOM   882 O "O3'"  . G  A 1 28 ? 9.513   16.792  5.863   1.00 2.49 ? 30 G  A "O3'"  1 
ATOM   883 C "C2'"  . G  A 1 28 ? 9.512   14.799  4.475   1.00 1.90 ? 30 G  A "C2'"  1 
ATOM   884 O "O2'"  . G  A 1 28 ? 10.509  14.368  5.430   1.00 2.38 ? 30 G  A "O2'"  1 
ATOM   885 C "C1'"  . G  A 1 28 ? 8.560   13.664  4.365   1.00 1.50 ? 30 G  A "C1'"  1 
ATOM   886 N N9     . G  A 1 28 ? 7.882   13.374  3.102   1.00 1.14 ? 30 G  A N9     1 
ATOM   887 C C8     . G  A 1 28 ? 6.634   13.735  2.700   1.00 1.00 ? 30 G  A C8     1 
ATOM   888 N N7     . G  A 1 28 ? 6.095   13.075  1.730   1.00 1.10 ? 30 G  A N7     1 
ATOM   889 C C5     . G  A 1 28 ? 7.095   12.149  1.425   1.00 1.02 ? 30 G  A C5     1 
ATOM   890 C C6     . G  A 1 28 ? 7.117   11.123  0.440   1.00 1.13 ? 30 G  A C6     1 
ATOM   891 O O6     . G  A 1 28 ? 6.238   10.825  -0.372  1.00 1.45 ? 30 G  A O6     1 
ATOM   892 N N1     . G  A 1 28 ? 8.319   10.415  0.469   1.00 1.03 ? 30 G  A N1     1 
ATOM   893 C C2     . G  A 1 28 ? 9.367   10.663  1.339   1.00 1.14 ? 30 G  A C2     1 
ATOM   894 N N2     . G  A 1 28 ? 10.442  9.880   1.219   1.00 1.34 ? 30 G  A N2     1 
ATOM   895 N N3     . G  A 1 28 ? 9.347   11.625  2.265   1.00 1.28 ? 30 G  A N3     1 
ATOM   896 C C4     . G  A 1 28 ? 8.192   12.328  2.254   1.00 1.07 ? 30 G  A C4     1 
ATOM   897 H "H5'"  . G  A 1 28 ? 6.377   16.761  6.561   1.00 1.77 ? 30 G  A "H5'"  1 
ATOM   898 H "H5''" . G  A 1 28 ? 6.095   16.293  4.870   1.00 1.95 ? 30 G  A "H5''" 1 
ATOM   899 H "H4'"  . G  A 1 28 ? 8.003   15.156  6.928   1.00 2.08 ? 30 G  A "H4'"  1 
ATOM   900 H "H3'"  . G  A 1 28 ? 8.216   16.492  4.260   1.00 1.79 ? 30 G  A "H3'"  1 
ATOM   901 H "HO3'" . G  A 1 28 ? 10.352  16.899  5.408   1.00 2.76 ? 30 G  A "HO3'" 1 
ATOM   902 H "H2'"  . G  A 1 28 ? 9.954   15.061  3.516   1.00 1.94 ? 30 G  A "H2'"  1 
ATOM   903 H "HO2'" . G  A 1 28 ? 10.881  13.545  5.102   1.00 2.55 ? 30 G  A "HO2'" 1 
ATOM   904 H "H1'"  . G  A 1 28 ? 9.109   12.764  4.658   1.00 1.75 ? 30 G  A "H1'"  1 
ATOM   905 H H8     . G  A 1 28 ? 6.091   14.535  3.205   1.00 1.02 ? 30 G  A H8     1 
ATOM   906 H H1     . G  A 1 28 ? 8.414   9.648   -0.225  1.00 1.09 ? 30 G  A H1     1 
ATOM   907 H H21    . G  A 1 28 ? 10.463  9.152   0.517   1.00 1.24 ? 30 G  A H21    1 
ATOM   908 H H22    . G  A 1 28 ? 11.236  10.018  1.828   1.00 1.66 ? 30 G  A H22    1 
# 
